data_8XEJ
#
_entry.id   8XEJ
#
_cell.length_a   1.00
_cell.length_b   1.00
_cell.length_c   1.00
_cell.angle_alpha   90.00
_cell.angle_beta   90.00
_cell.angle_gamma   90.00
#
_symmetry.space_group_name_H-M   'P 1'
#
loop_
_entity.id
_entity.type
_entity.pdbx_description
1 polymer 'Isoform 2 of Basigin'
2 polymer 'XK-related protein 8'
3 polymer 'Fab heavy chain'
4 polymer 'Fab light chain'
5 non-polymer 1,2-DILINOLEOYL-SN-GLYCERO-3-PHOSPHOCHOLINE
#
loop_
_entity_poly.entity_id
_entity_poly.type
_entity_poly.pdbx_seq_one_letter_code
_entity_poly.pdbx_strand_id
1 'polypeptide(L)'
;AGPPRVKAVKSSEHINEGETAMLVCKSESVPPVTDWAWYKITDSEDKALMQGSESRFFVSSSQGRSELHIENLNMEADPG
QYRCQGTSSKGSDQAIITLRVRSHLAALWPFLGIVAEVLVLVTIIFIYEKRRKPEDVLDDDDAGSAPLKSSGQHQNDKGK
NVRQRNSSDYKDDDDK
;
B
2 'polypeptide(L)'
;MPWSSRGALLRDLVLGVLGTAAFLLDLGTDLWAAVQYALGGRYLWAALVLALLGLASVALQLFSWLWLRADPAGLHGSQP
PRRCLALLHLLQLGYLYRCVQELRQGLLVWQQEEPSEFDLAYADFLALDISMLRLFETFLETAPQLTLVLAIMLQSGRAE
YYQWVGICTSFLGISWALLDYHRALRTCLPSKPLLGLGSSVIYFLWNLLLLWPRVLAVALFSALFPSYVALHFLGLWLVL
LLWVWLQGTDFMPDPSSEWLYRVTVATILYFSWFNVAEGRTRGRAIIHFAFLLSDSILLVATWVTHSSWLPSGIPLQLWL
PVGCGCFFLGLALRLVYYHWLHPSCCWKPDPDQVDGARSLLSPEGYQLPQNRRMTHLAQKFFPKAKDEAASPVKGVDEFE
NLYFQ
;
X
3 'polypeptide(L)'
;(PCA)SVEESGGRLVTPGTPLTLTCTVSGFSLSDYAMNWVRQAPGKGLEWIGIIYASGSRYYASWAKGRFTISKTSTTVD
LKITSPTTEDTATYFCARYYAGSDIWGPGTLVTVSSASTKGPSVFPLAPSSKSTSGGTAALGCLVKDYFPEPVTVSWNSG
ALTSGVHTFPAVLQSSGLYSLSSVVTVPSSSLGTQTYICNVNHKPSNTKVDKKVEPKSCDK
;
H
4 'polypeptide(L)'
;ADVVMTQTPSSVSAAVGGTVTINCQASQSISAYLAWYQQKPGQPPKLLIYDASDLASGVSSRFKGSGSGTQFTLTISALE
CADAATYYCQSYYAIITYGAAFGGGTEVVVKRTVAAPSVFIFPPSDEQLKSGTASVVCLLNNFYPREAKVQWKVDNALQS
GNSQESVTEQDSKDCTYSLSSTLTLSKADYEKHKVYACEVTHQGLSSPVTKSFNRGEC
;
L
#
loop_
_chem_comp.id
_chem_comp.type
_chem_comp.name
_chem_comp.formula
DLP non-polymer 1,2-DILINOLEOYL-SN-GLYCERO-3-PHOSPHOCHOLINE 'C44 H80 N O8 P'
#
# COMPACT_ATOMS: atom_id res chain seq x y z
N GLY A 2 36.99 5.55 -31.75
CA GLY A 2 37.72 4.30 -31.74
C GLY A 2 36.83 3.08 -31.82
N PRO A 3 37.38 1.91 -31.52
CA PRO A 3 36.58 0.69 -31.56
C PRO A 3 35.42 0.78 -30.59
N PRO A 4 34.31 0.11 -30.89
CA PRO A 4 33.15 0.18 -30.00
C PRO A 4 33.28 -0.79 -28.84
N ARG A 5 32.62 -0.43 -27.74
CA ARG A 5 32.60 -1.24 -26.53
C ARG A 5 31.15 -1.44 -26.13
N VAL A 6 30.65 -2.66 -26.28
CA VAL A 6 29.27 -3.01 -25.98
C VAL A 6 29.23 -3.88 -24.74
N LYS A 7 28.16 -3.71 -23.95
CA LYS A 7 27.98 -4.54 -22.78
C LYS A 7 26.50 -4.79 -22.56
N ALA A 8 26.20 -5.93 -21.96
CA ALA A 8 24.84 -6.29 -21.62
C ALA A 8 24.36 -5.55 -20.39
N VAL A 9 23.06 -5.30 -20.31
CA VAL A 9 22.51 -4.67 -19.13
C VAL A 9 22.48 -5.68 -17.99
N LYS A 10 22.04 -6.90 -18.30
CA LYS A 10 22.02 -8.01 -17.36
C LYS A 10 22.77 -9.15 -18.04
N SER A 11 23.90 -9.55 -17.46
CA SER A 11 24.70 -10.61 -18.07
C SER A 11 24.06 -11.98 -17.91
N SER A 12 23.27 -12.19 -16.87
CA SER A 12 22.61 -13.47 -16.65
C SER A 12 21.19 -13.23 -16.22
N GLU A 13 20.25 -13.98 -16.82
CA GLU A 13 18.85 -13.85 -16.49
C GLU A 13 18.26 -15.23 -16.24
N HIS A 14 17.12 -15.24 -15.56
CA HIS A 14 16.47 -16.50 -15.18
C HIS A 14 14.96 -16.28 -15.25
N ILE A 15 14.35 -16.67 -16.36
CA ILE A 15 12.93 -16.45 -16.61
C ILE A 15 12.28 -17.83 -16.63
N ASN A 16 10.98 -17.90 -16.90
CA ASN A 16 10.25 -19.16 -16.89
C ASN A 16 9.49 -19.30 -18.20
N GLU A 17 9.05 -20.52 -18.47
CA GLU A 17 8.38 -20.80 -19.74
C GLU A 17 7.02 -20.09 -19.79
N GLY A 18 6.55 -19.88 -21.01
CA GLY A 18 5.30 -19.19 -21.28
C GLY A 18 5.41 -17.68 -21.29
N GLU A 19 6.42 -17.11 -20.66
CA GLU A 19 6.63 -15.67 -20.61
C GLU A 19 7.49 -15.25 -21.79
N THR A 20 8.01 -14.03 -21.77
CA THR A 20 8.83 -13.52 -22.85
C THR A 20 10.05 -12.81 -22.28
N ALA A 21 11.24 -13.33 -22.59
CA ALA A 21 12.50 -12.75 -22.12
C ALA A 21 12.87 -11.55 -22.96
N MET A 22 13.37 -10.50 -22.32
CA MET A 22 13.92 -9.34 -23.02
C MET A 22 15.38 -9.16 -22.64
N LEU A 23 16.28 -9.62 -23.49
CA LEU A 23 17.70 -9.34 -23.32
C LEU A 23 18.01 -8.01 -24.00
N VAL A 24 18.86 -7.20 -23.38
CA VAL A 24 19.20 -5.92 -24.02
C VAL A 24 20.69 -5.64 -23.92
N CYS A 25 21.32 -5.30 -25.04
CA CYS A 25 22.68 -4.81 -25.06
C CYS A 25 22.70 -3.31 -25.27
N LYS A 26 23.76 -2.66 -24.77
CA LYS A 26 23.91 -1.22 -24.94
C LYS A 26 25.38 -0.89 -25.17
N SER A 27 25.60 0.33 -25.66
CA SER A 27 26.94 0.83 -25.95
C SER A 27 26.91 2.35 -25.90
N GLU A 28 28.05 2.94 -25.52
CA GLU A 28 28.15 4.40 -25.43
C GLU A 28 29.34 4.94 -26.21
N SER A 29 29.90 4.16 -27.13
CA SER A 29 31.07 4.64 -27.86
C SER A 29 30.66 5.68 -28.91
N VAL A 30 31.65 6.43 -29.36
CA VAL A 30 31.45 7.47 -30.38
C VAL A 30 32.47 7.23 -31.48
N PRO A 31 32.04 7.03 -32.74
CA PRO A 31 30.67 7.04 -33.26
C PRO A 31 29.79 5.94 -32.66
N PRO A 32 28.48 6.15 -32.61
CA PRO A 32 27.60 5.15 -32.02
C PRO A 32 27.45 3.93 -32.91
N VAL A 33 26.97 2.84 -32.31
CA VAL A 33 26.78 1.59 -33.02
C VAL A 33 25.52 1.72 -33.88
N THR A 34 25.71 1.70 -35.20
CA THR A 34 24.59 1.85 -36.13
C THR A 34 23.77 0.57 -36.26
N ASP A 35 24.42 -0.57 -36.48
CA ASP A 35 23.73 -1.84 -36.67
C ASP A 35 24.08 -2.87 -35.60
N TRP A 36 23.06 -3.65 -35.22
CA TRP A 36 23.12 -4.72 -34.25
C TRP A 36 22.68 -6.05 -34.86
N ALA A 37 23.29 -7.14 -34.38
CA ALA A 37 22.94 -8.47 -34.84
C ALA A 37 23.01 -9.43 -33.66
N TRP A 38 22.01 -10.29 -33.54
CA TRP A 38 21.92 -11.26 -32.45
C TRP A 38 22.16 -12.66 -32.97
N TYR A 39 22.97 -13.44 -32.25
CA TYR A 39 23.25 -14.82 -32.61
C TYR A 39 23.03 -15.71 -31.41
N LYS A 40 22.54 -16.91 -31.62
CA LYS A 40 22.40 -17.90 -30.57
C LYS A 40 23.55 -18.90 -30.67
N ILE A 41 24.26 -19.10 -29.57
CA ILE A 41 25.42 -19.99 -29.59
C ILE A 41 24.94 -21.43 -29.56
N THR A 42 25.46 -22.24 -30.47
CA THR A 42 25.24 -23.68 -30.47
C THR A 42 26.58 -24.37 -30.64
N ASP A 43 26.56 -25.69 -30.51
CA ASP A 43 27.79 -26.46 -30.63
C ASP A 43 28.38 -26.37 -32.03
N SER A 44 29.58 -25.78 -32.13
CA SER A 44 30.36 -25.61 -33.35
C SER A 44 29.83 -24.55 -34.31
N GLU A 45 28.74 -23.86 -34.01
CA GLU A 45 28.18 -22.87 -34.94
C GLU A 45 27.19 -21.97 -34.23
N ASP A 46 27.09 -20.75 -34.73
CA ASP A 46 26.27 -19.67 -34.19
C ASP A 46 25.24 -19.27 -35.23
N LYS A 47 23.96 -19.37 -34.88
CA LYS A 47 22.87 -19.13 -35.81
C LYS A 47 22.28 -17.74 -35.61
N ALA A 48 22.07 -17.02 -36.70
CA ALA A 48 21.53 -15.68 -36.64
C ALA A 48 20.07 -15.72 -36.21
N LEU A 49 19.64 -14.68 -35.52
CA LEU A 49 18.26 -14.61 -35.04
C LEU A 49 17.52 -13.55 -35.86
N MET A 50 16.79 -14.01 -36.87
CA MET A 50 16.03 -13.14 -37.75
C MET A 50 14.72 -12.71 -37.12
N GLN A 51 14.37 -11.43 -37.31
CA GLN A 51 13.11 -10.92 -36.77
C GLN A 51 11.94 -11.64 -37.42
N GLY A 52 10.96 -12.02 -36.60
CA GLY A 52 9.80 -12.72 -37.10
C GLY A 52 9.93 -14.23 -37.12
N SER A 53 11.06 -14.77 -36.67
CA SER A 53 11.26 -16.21 -36.67
C SER A 53 10.27 -16.88 -35.72
N GLU A 54 9.64 -17.94 -36.22
CA GLU A 54 8.63 -18.72 -35.49
C GLU A 54 7.56 -17.81 -34.88
N SER A 55 7.37 -16.64 -35.48
CA SER A 55 6.39 -15.66 -35.01
C SER A 55 6.55 -15.35 -33.52
N ARG A 56 7.75 -15.57 -32.97
CA ARG A 56 7.97 -15.33 -31.55
C ARG A 56 9.21 -14.51 -31.23
N PHE A 57 10.11 -14.26 -32.17
CA PHE A 57 11.28 -13.45 -31.89
C PHE A 57 11.03 -12.03 -32.36
N PHE A 58 11.58 -11.07 -31.63
CA PHE A 58 11.49 -9.67 -31.97
C PHE A 58 12.79 -8.98 -31.63
N VAL A 59 13.29 -8.14 -32.53
CA VAL A 59 14.48 -7.36 -32.27
C VAL A 59 14.15 -5.90 -32.50
N SER A 60 14.47 -5.06 -31.53
CA SER A 60 14.23 -3.62 -31.62
C SER A 60 15.57 -2.94 -31.39
N SER A 61 16.13 -2.36 -32.44
CA SER A 61 17.45 -1.77 -32.40
C SER A 61 17.40 -0.27 -32.65
N SER A 62 18.12 0.48 -31.83
CA SER A 62 18.34 1.90 -31.99
C SER A 62 19.83 2.17 -31.88
N GLN A 63 20.22 3.42 -32.05
CA GLN A 63 21.62 3.76 -31.98
C GLN A 63 22.19 3.40 -30.62
N GLY A 64 23.07 2.40 -30.62
CA GLY A 64 23.70 1.94 -29.41
C GLY A 64 22.85 1.15 -28.44
N ARG A 65 21.74 0.56 -28.87
CA ARG A 65 20.97 -0.25 -27.91
C ARG A 65 20.05 -1.19 -28.66
N SER A 66 20.08 -2.48 -28.32
CA SER A 66 19.20 -3.42 -28.99
C SER A 66 18.57 -4.41 -28.02
N GLU A 67 17.25 -4.57 -28.14
CA GLU A 67 16.48 -5.48 -27.32
C GLU A 67 16.07 -6.71 -28.13
N LEU A 68 16.24 -7.88 -27.55
CA LEU A 68 15.83 -9.17 -28.09
C LEU A 68 14.70 -9.70 -27.23
N HIS A 69 13.50 -9.74 -27.80
CA HIS A 69 12.31 -10.24 -27.14
C HIS A 69 12.06 -11.66 -27.66
N ILE A 70 11.97 -12.61 -26.73
CA ILE A 70 11.69 -14.00 -27.08
C ILE A 70 10.39 -14.35 -26.39
N GLU A 71 9.34 -14.57 -27.17
CA GLU A 71 8.03 -14.90 -26.65
C GLU A 71 7.86 -16.40 -26.52
N ASN A 72 7.04 -16.80 -25.54
CA ASN A 72 6.71 -18.20 -25.30
C ASN A 72 7.95 -19.05 -25.07
N LEU A 73 8.68 -18.71 -23.99
CA LEU A 73 9.91 -19.41 -23.63
C LEU A 73 9.72 -20.92 -23.69
N ASN A 74 10.60 -21.60 -24.42
CA ASN A 74 10.56 -23.05 -24.56
C ASN A 74 11.70 -23.67 -23.78
N MET A 75 11.44 -24.84 -23.20
CA MET A 75 12.44 -25.53 -22.38
C MET A 75 13.51 -26.23 -23.21
N GLU A 76 13.30 -26.43 -24.50
CA GLU A 76 14.26 -27.19 -25.31
C GLU A 76 15.21 -26.32 -26.14
N ALA A 77 14.71 -25.34 -26.88
CA ALA A 77 15.57 -24.54 -27.74
C ALA A 77 15.95 -23.16 -27.19
N ASP A 78 15.11 -22.53 -26.37
CA ASP A 78 15.44 -21.19 -25.91
C ASP A 78 16.60 -21.05 -24.92
N PRO A 79 16.73 -21.89 -23.89
CA PRO A 79 17.85 -21.68 -22.95
C PRO A 79 19.20 -21.86 -23.62
N GLY A 80 20.17 -21.09 -23.15
CA GLY A 80 21.50 -21.17 -23.74
C GLY A 80 22.24 -19.84 -23.62
N GLN A 81 23.18 -19.63 -24.54
CA GLN A 81 23.98 -18.42 -24.57
C GLN A 81 23.67 -17.62 -25.84
N TYR A 82 23.45 -16.32 -25.70
CA TYR A 82 23.17 -15.43 -26.81
C TYR A 82 24.29 -14.40 -26.91
N ARG A 83 24.65 -14.04 -28.14
CA ARG A 83 25.72 -13.08 -28.39
C ARG A 83 25.14 -11.90 -29.14
N CYS A 84 25.35 -10.71 -28.62
CA CYS A 84 24.94 -9.52 -29.35
C CYS A 84 26.20 -8.90 -29.92
N GLN A 85 26.13 -8.50 -31.19
CA GLN A 85 27.25 -7.91 -31.89
C GLN A 85 26.85 -6.58 -32.50
N GLY A 86 27.59 -5.53 -32.16
CA GLY A 86 27.34 -4.20 -32.69
C GLY A 86 28.50 -3.78 -33.56
N THR A 87 28.18 -3.23 -34.74
CA THR A 87 29.19 -2.84 -35.71
C THR A 87 29.12 -1.34 -36.01
N SER A 88 29.94 -0.56 -35.30
CA SER A 88 30.07 0.85 -35.61
C SER A 88 31.01 1.03 -36.80
N SER A 89 31.05 2.27 -37.31
CA SER A 89 31.91 2.56 -38.46
C SER A 89 33.38 2.34 -38.17
N LYS A 90 33.77 2.16 -36.90
CA LYS A 90 35.15 1.93 -36.54
C LYS A 90 35.44 0.49 -36.15
N GLY A 91 34.47 -0.42 -36.25
CA GLY A 91 34.73 -1.80 -35.89
C GLY A 91 33.49 -2.45 -35.31
N SER A 92 33.69 -3.50 -34.50
CA SER A 92 32.57 -4.21 -33.92
C SER A 92 32.97 -4.86 -32.61
N ASP A 93 31.96 -5.12 -31.77
CA ASP A 93 32.16 -5.79 -30.49
C ASP A 93 30.99 -6.72 -30.22
N GLN A 94 31.15 -7.60 -29.23
CA GLN A 94 30.15 -8.60 -28.86
C GLN A 94 30.06 -8.75 -27.35
N ALA A 95 28.87 -9.12 -26.88
CA ALA A 95 28.61 -9.45 -25.48
C ALA A 95 27.86 -10.77 -25.39
N ILE A 96 28.01 -11.45 -24.24
CA ILE A 96 27.40 -12.76 -24.00
C ILE A 96 26.37 -12.68 -22.88
N ILE A 97 25.15 -13.13 -23.14
CA ILE A 97 24.07 -13.20 -22.16
C ILE A 97 23.60 -14.65 -22.04
N THR A 98 23.50 -15.16 -20.81
CA THR A 98 23.04 -16.52 -20.58
C THR A 98 21.59 -16.49 -20.13
N LEU A 99 20.75 -17.32 -20.76
CA LEU A 99 19.33 -17.41 -20.41
C LEU A 99 18.96 -18.82 -19.97
N ARG A 100 18.33 -18.92 -18.79
CA ARG A 100 17.74 -20.16 -18.30
C ARG A 100 16.22 -20.03 -18.27
N VAL A 101 15.53 -21.14 -18.52
CA VAL A 101 14.07 -21.24 -18.45
C VAL A 101 13.66 -22.09 -17.24
N ARG A 102 13.11 -21.46 -16.21
CA ARG A 102 12.52 -22.20 -15.09
C ARG A 102 11.17 -22.77 -15.48
N SER A 103 10.92 -24.03 -15.11
CA SER A 103 9.65 -24.65 -15.49
C SER A 103 8.61 -24.62 -14.35
N HIS A 104 7.48 -25.29 -14.61
CA HIS A 104 6.45 -25.41 -13.59
C HIS A 104 6.80 -26.47 -12.56
N LEU A 105 7.80 -27.31 -12.83
CA LEU A 105 8.23 -28.28 -11.83
C LEU A 105 8.78 -27.54 -10.62
N ALA A 106 9.65 -26.56 -10.86
CA ALA A 106 10.17 -25.71 -9.81
C ALA A 106 9.18 -24.64 -9.40
N ALA A 107 8.22 -24.29 -10.27
CA ALA A 107 7.27 -23.25 -9.89
C ALA A 107 6.23 -23.76 -8.89
N LEU A 108 5.62 -24.91 -9.16
CA LEU A 108 4.69 -25.57 -8.23
C LEU A 108 5.40 -26.50 -7.25
N TRP A 109 6.41 -25.99 -6.57
CA TRP A 109 7.15 -26.70 -5.53
C TRP A 109 6.45 -26.74 -4.16
N PRO A 110 5.82 -25.66 -3.70
CA PRO A 110 5.13 -25.72 -2.42
C PRO A 110 3.71 -26.28 -2.48
N PHE A 111 3.28 -26.79 -3.63
CA PHE A 111 1.98 -27.40 -3.76
C PHE A 111 2.16 -28.91 -3.64
N LEU A 112 3.10 -29.44 -4.42
CA LEU A 112 3.42 -30.85 -4.32
C LEU A 112 4.02 -31.13 -2.95
N GLY A 113 4.91 -30.25 -2.47
CA GLY A 113 5.51 -30.46 -1.16
C GLY A 113 4.45 -30.60 -0.09
N ILE A 114 3.51 -29.66 -0.06
CA ILE A 114 2.45 -29.65 0.94
C ILE A 114 1.59 -30.91 0.85
N VAL A 115 1.14 -31.25 -0.36
CA VAL A 115 0.25 -32.41 -0.47
C VAL A 115 0.98 -33.70 -0.13
N ALA A 116 2.29 -33.76 -0.41
CA ALA A 116 3.07 -34.93 0.00
C ALA A 116 3.17 -35.02 1.51
N GLU A 117 3.47 -33.89 2.17
CA GLU A 117 3.55 -33.90 3.63
C GLU A 117 2.21 -34.30 4.26
N VAL A 118 1.11 -33.79 3.72
CA VAL A 118 -0.22 -34.18 4.22
C VAL A 118 -0.45 -35.67 4.05
N LEU A 119 -0.08 -36.22 2.90
CA LEU A 119 -0.24 -37.66 2.66
C LEU A 119 0.56 -38.47 3.67
N VAL A 120 1.82 -38.09 3.86
CA VAL A 120 2.69 -38.79 4.80
C VAL A 120 2.10 -38.73 6.21
N LEU A 121 1.69 -37.53 6.65
CA LEU A 121 1.10 -37.41 7.98
C LEU A 121 -0.12 -38.31 8.16
N VAL A 122 -1.03 -38.30 7.18
CA VAL A 122 -2.24 -39.10 7.31
C VAL A 122 -1.89 -40.59 7.38
N THR A 123 -0.91 -41.03 6.60
CA THR A 123 -0.53 -42.45 6.64
C THR A 123 0.12 -42.79 7.97
N ILE A 124 1.00 -41.91 8.47
CA ILE A 124 1.69 -42.17 9.71
C ILE A 124 0.70 -42.30 10.86
N ILE A 125 -0.18 -41.31 11.03
CA ILE A 125 -1.14 -41.37 12.13
C ILE A 125 -2.11 -42.53 11.95
N PHE A 126 -2.50 -42.83 10.70
CA PHE A 126 -3.47 -43.89 10.45
C PHE A 126 -2.88 -45.28 10.66
N ILE A 127 -1.56 -45.42 10.68
CA ILE A 127 -1.01 -46.72 11.02
C ILE A 127 -0.62 -46.72 12.50
N TYR A 128 -0.20 -45.57 13.00
CA TYR A 128 0.19 -45.42 14.40
C TYR A 128 -0.97 -45.61 15.36
N GLU A 129 -2.21 -45.40 14.92
CA GLU A 129 -3.36 -45.52 15.80
C GLU A 129 -4.28 -46.68 15.44
N LYS A 130 -4.84 -46.66 14.22
CA LYS A 130 -5.75 -47.70 13.76
C LYS A 130 -5.28 -49.13 14.08
N ARG A 131 -4.05 -49.45 13.68
CA ARG A 131 -3.52 -50.80 13.87
C ARG A 131 -2.39 -50.91 14.87
N ARG A 132 -1.46 -49.94 14.93
CA ARG A 132 -0.37 -50.06 15.90
C ARG A 132 -0.85 -49.82 17.33
N LYS A 133 -1.71 -48.82 17.52
CA LYS A 133 -2.22 -48.53 18.86
C LYS A 133 -3.44 -49.40 19.18
N GLY B 7 -2.80 -14.12 52.24
CA GLY B 7 -2.16 -13.51 51.08
C GLY B 7 -2.53 -14.18 49.78
N ALA B 8 -3.03 -15.42 49.87
CA ALA B 8 -3.42 -16.16 48.67
C ALA B 8 -4.56 -15.46 47.94
N LEU B 9 -5.56 -14.97 48.69
CA LEU B 9 -6.69 -14.29 48.07
C LEU B 9 -6.23 -13.04 47.34
N LEU B 10 -5.36 -12.25 47.97
CA LEU B 10 -4.84 -11.03 47.34
C LEU B 10 -4.08 -11.35 46.07
N ARG B 11 -3.23 -12.37 46.13
CA ARG B 11 -2.45 -12.77 44.97
C ARG B 11 -3.35 -13.21 43.83
N ASP B 12 -4.36 -14.03 44.14
CA ASP B 12 -5.27 -14.51 43.11
C ASP B 12 -6.04 -13.35 42.47
N LEU B 13 -6.56 -12.45 43.29
CA LEU B 13 -7.31 -11.32 42.73
C LEU B 13 -6.43 -10.41 41.89
N VAL B 14 -5.21 -10.12 42.35
CA VAL B 14 -4.35 -9.25 41.57
C VAL B 14 -3.95 -9.91 40.25
N LEU B 15 -3.67 -11.22 40.28
CA LEU B 15 -3.31 -11.91 39.05
C LEU B 15 -4.49 -11.93 38.08
N GLY B 16 -5.70 -12.14 38.60
CA GLY B 16 -6.88 -12.14 37.75
C GLY B 16 -7.11 -10.78 37.12
N VAL B 17 -6.92 -9.71 37.90
CA VAL B 17 -7.09 -8.36 37.38
C VAL B 17 -6.07 -8.11 36.28
N LEU B 18 -4.82 -8.52 36.52
CA LEU B 18 -3.78 -8.32 35.51
C LEU B 18 -4.13 -9.07 34.23
N GLY B 19 -4.63 -10.30 34.36
CA GLY B 19 -5.00 -11.10 33.22
C GLY B 19 -6.13 -10.51 32.40
N THR B 20 -7.21 -10.09 33.09
CA THR B 20 -8.32 -9.50 32.37
C THR B 20 -7.89 -8.19 31.71
N ALA B 21 -7.02 -7.43 32.38
CA ALA B 21 -6.50 -6.19 31.83
C ALA B 21 -5.75 -6.48 30.54
N ALA B 22 -4.93 -7.52 30.56
CA ALA B 22 -4.17 -7.90 29.38
C ALA B 22 -5.10 -8.30 28.24
N PHE B 23 -6.15 -9.06 28.56
CA PHE B 23 -7.11 -9.46 27.52
C PHE B 23 -7.77 -8.23 26.91
N LEU B 24 -8.18 -7.29 27.75
CA LEU B 24 -8.81 -6.06 27.31
C LEU B 24 -7.87 -5.28 26.40
N LEU B 25 -6.60 -5.21 26.80
CA LEU B 25 -5.60 -4.51 26.02
C LEU B 25 -5.41 -5.15 24.65
N ASP B 26 -5.39 -6.49 24.61
CA ASP B 26 -5.23 -7.19 23.34
C ASP B 26 -6.41 -6.89 22.42
N LEU B 27 -7.62 -6.97 22.94
CA LEU B 27 -8.80 -6.68 22.13
C LEU B 27 -8.77 -5.24 21.64
N GLY B 28 -8.39 -4.31 22.52
CA GLY B 28 -8.33 -2.91 22.15
C GLY B 28 -7.33 -2.63 21.05
N THR B 29 -6.12 -3.19 21.18
CA THR B 29 -5.10 -2.96 20.15
C THR B 29 -5.53 -3.59 18.83
N ASP B 30 -6.19 -4.75 18.89
CA ASP B 30 -6.65 -5.39 17.65
C ASP B 30 -7.68 -4.53 16.95
N LEU B 31 -8.65 -4.01 17.71
CA LEU B 31 -9.66 -3.15 17.12
C LEU B 31 -9.03 -1.86 16.58
N TRP B 32 -8.06 -1.32 17.31
CA TRP B 32 -7.39 -0.10 16.87
C TRP B 32 -6.68 -0.33 15.55
N ALA B 33 -5.99 -1.47 15.43
CA ALA B 33 -5.29 -1.79 14.19
C ALA B 33 -6.28 -1.94 13.04
N ALA B 34 -7.40 -2.60 13.30
CA ALA B 34 -8.41 -2.78 12.25
C ALA B 34 -8.95 -1.43 11.79
N VAL B 35 -9.22 -0.54 12.75
CA VAL B 35 -9.74 0.79 12.42
C VAL B 35 -8.70 1.57 11.62
N GLN B 36 -7.43 1.47 12.02
CA GLN B 36 -6.37 2.16 11.30
C GLN B 36 -6.28 1.68 9.86
N TYR B 37 -6.34 0.36 9.66
CA TYR B 37 -6.28 -0.19 8.30
C TYR B 37 -7.47 0.29 7.47
N ALA B 38 -8.67 0.20 8.04
CA ALA B 38 -9.87 0.60 7.32
C ALA B 38 -9.83 2.07 6.92
N LEU B 39 -9.41 2.94 7.84
CA LEU B 39 -9.34 4.37 7.57
C LEU B 39 -8.16 4.77 6.69
N GLY B 40 -7.08 3.99 6.68
CA GLY B 40 -5.92 4.34 5.88
C GLY B 40 -5.84 3.73 4.50
N GLY B 41 -6.60 2.67 4.23
CA GLY B 41 -6.50 2.09 2.91
C GLY B 41 -7.23 0.78 2.68
N ARG B 42 -6.48 -0.21 2.17
CA ARG B 42 -7.02 -1.53 1.86
C ARG B 42 -8.00 -2.01 2.93
N TYR B 43 -9.17 -2.42 2.46
CA TYR B 43 -10.23 -2.92 3.33
C TYR B 43 -10.12 -4.41 3.60
N LEU B 44 -9.38 -5.14 2.76
CA LEU B 44 -9.23 -6.58 2.93
C LEU B 44 -8.57 -6.94 4.25
N TRP B 45 -7.54 -6.21 4.66
CA TRP B 45 -6.88 -6.52 5.93
C TRP B 45 -7.84 -6.33 7.10
N ALA B 46 -8.60 -5.24 7.08
CA ALA B 46 -9.57 -4.99 8.14
C ALA B 46 -10.63 -6.07 8.15
N ALA B 47 -11.10 -6.48 6.96
CA ALA B 47 -12.11 -7.52 6.88
C ALA B 47 -11.57 -8.83 7.44
N LEU B 48 -10.31 -9.16 7.13
CA LEU B 48 -9.72 -10.40 7.62
C LEU B 48 -9.59 -10.40 9.14
N VAL B 49 -9.09 -9.30 9.71
CA VAL B 49 -8.95 -9.28 11.18
C VAL B 49 -10.32 -9.32 11.84
N LEU B 50 -11.31 -8.62 11.26
CA LEU B 50 -12.64 -8.64 11.84
C LEU B 50 -13.23 -10.04 11.80
N ALA B 51 -13.08 -10.74 10.68
CA ALA B 51 -13.60 -12.10 10.56
C ALA B 51 -12.91 -13.03 11.55
N LEU B 52 -11.60 -12.91 11.68
CA LEU B 52 -10.87 -13.76 12.62
C LEU B 52 -11.33 -13.53 14.05
N LEU B 53 -11.43 -12.26 14.44
CA LEU B 53 -11.88 -11.91 15.79
C LEU B 53 -13.28 -12.45 16.04
N GLY B 54 -14.18 -12.27 15.07
CA GLY B 54 -15.53 -12.74 15.21
C GLY B 54 -15.61 -14.25 15.38
N LEU B 55 -14.85 -14.97 14.56
CA LEU B 55 -14.85 -16.43 14.66
C LEU B 55 -14.34 -16.89 16.02
N ALA B 56 -13.24 -16.29 16.49
CA ALA B 56 -12.70 -16.67 17.79
C ALA B 56 -13.69 -16.37 18.90
N SER B 57 -14.31 -15.20 18.85
CA SER B 57 -15.29 -14.80 19.86
C SER B 57 -16.48 -15.75 19.85
N VAL B 58 -16.96 -16.12 18.66
CA VAL B 58 -18.10 -17.03 18.56
C VAL B 58 -17.76 -18.37 19.18
N ALA B 59 -16.57 -18.90 18.89
CA ALA B 59 -16.19 -20.17 19.49
C ALA B 59 -16.09 -20.08 21.01
N LEU B 60 -15.52 -18.98 21.53
CA LEU B 60 -15.41 -18.83 22.98
C LEU B 60 -16.79 -18.73 23.63
N GLN B 61 -17.69 -17.98 23.02
CA GLN B 61 -19.04 -17.84 23.58
C GLN B 61 -19.74 -19.19 23.59
N LEU B 62 -19.58 -19.96 22.52
CA LEU B 62 -20.21 -21.28 22.49
C LEU B 62 -19.62 -22.18 23.57
N PHE B 63 -18.31 -22.11 23.80
CA PHE B 63 -17.69 -22.93 24.83
C PHE B 63 -18.23 -22.58 26.21
N SER B 64 -18.28 -21.28 26.52
CA SER B 64 -18.77 -20.86 27.83
C SER B 64 -20.25 -21.22 28.01
N TRP B 65 -21.07 -21.00 26.97
CA TRP B 65 -22.48 -21.32 27.08
C TRP B 65 -22.70 -22.81 27.30
N LEU B 66 -21.96 -23.65 26.55
CA LEU B 66 -22.09 -25.09 26.72
C LEU B 66 -21.66 -25.52 28.10
N TRP B 67 -20.57 -24.92 28.61
CA TRP B 67 -20.10 -25.26 29.94
C TRP B 67 -21.14 -24.92 30.99
N LEU B 68 -21.72 -23.71 30.90
CA LEU B 68 -22.74 -23.31 31.87
C LEU B 68 -23.97 -24.21 31.78
N ARG B 69 -24.39 -24.56 30.56
CA ARG B 69 -25.55 -25.42 30.38
C ARG B 69 -25.31 -26.79 30.99
N ALA B 70 -24.13 -27.36 30.75
CA ALA B 70 -23.81 -28.69 31.29
C ALA B 70 -23.62 -28.65 32.80
N ASP B 71 -23.19 -27.49 33.32
CA ASP B 71 -22.94 -27.30 34.75
C ASP B 71 -24.08 -27.81 35.63
N PRO B 72 -23.78 -28.63 36.62
CA PRO B 72 -24.82 -29.14 37.52
C PRO B 72 -25.29 -28.08 38.50
N ALA B 73 -26.06 -28.50 39.50
CA ALA B 73 -26.56 -27.57 40.51
C ALA B 73 -25.42 -26.75 41.10
N GLY B 74 -25.42 -25.46 40.81
CA GLY B 74 -24.39 -24.57 41.28
C GLY B 74 -24.46 -23.25 40.54
N LEU B 75 -23.48 -22.39 40.84
CA LEU B 75 -23.39 -21.06 40.24
C LEU B 75 -24.66 -20.25 40.46
N HIS B 76 -25.25 -20.39 41.66
CA HIS B 76 -26.49 -19.71 42.01
C HIS B 76 -26.34 -18.20 42.12
N GLY B 77 -25.12 -17.67 42.21
CA GLY B 77 -24.95 -16.23 42.30
C GLY B 77 -24.96 -15.58 40.94
N SER B 78 -25.89 -16.02 40.09
CA SER B 78 -26.04 -15.50 38.73
C SER B 78 -27.07 -14.39 38.67
N GLN B 79 -26.67 -13.15 38.98
CA GLN B 79 -27.54 -11.99 38.96
C GLN B 79 -28.42 -11.97 37.70
N PRO B 80 -27.86 -12.09 36.48
CA PRO B 80 -28.71 -12.10 35.30
C PRO B 80 -29.51 -13.39 35.21
N PRO B 81 -30.81 -13.30 34.91
CA PRO B 81 -31.62 -14.51 34.80
C PRO B 81 -31.10 -15.40 33.69
N ARG B 82 -31.29 -16.72 33.85
CA ARG B 82 -30.85 -17.71 32.88
C ARG B 82 -31.25 -17.31 31.47
N ARG B 83 -32.46 -16.77 31.32
CA ARG B 83 -32.94 -16.31 30.02
C ARG B 83 -32.04 -15.19 29.50
N CYS B 84 -31.73 -14.22 30.36
CA CYS B 84 -30.88 -13.10 29.98
C CYS B 84 -29.45 -13.56 29.68
N LEU B 85 -28.98 -14.57 30.42
CA LEU B 85 -27.64 -15.13 30.28
C LEU B 85 -27.35 -15.61 28.85
N ALA B 86 -28.32 -16.30 28.24
CA ALA B 86 -28.12 -16.78 26.89
C ALA B 86 -27.90 -15.64 25.91
N LEU B 87 -28.71 -14.58 25.99
CA LEU B 87 -28.54 -13.43 25.11
C LEU B 87 -27.22 -12.75 25.39
N LEU B 88 -26.84 -12.67 26.68
CA LEU B 88 -25.58 -12.04 27.06
C LEU B 88 -24.41 -12.74 26.38
N HIS B 89 -24.38 -14.07 26.46
CA HIS B 89 -23.32 -14.83 25.81
C HIS B 89 -23.38 -14.66 24.29
N LEU B 90 -24.60 -14.70 23.75
CA LEU B 90 -24.81 -14.53 22.32
C LEU B 90 -24.23 -13.22 21.82
N LEU B 91 -24.21 -12.20 22.67
CA LEU B 91 -23.69 -10.88 22.31
C LEU B 91 -22.20 -10.73 22.60
N GLN B 92 -21.45 -11.84 22.54
CA GLN B 92 -20.01 -11.86 22.77
C GLN B 92 -19.65 -11.27 24.13
N LEU B 93 -20.58 -11.33 25.08
CA LEU B 93 -20.34 -10.82 26.42
C LEU B 93 -20.20 -11.92 27.46
N GLY B 94 -20.22 -13.19 27.05
CA GLY B 94 -20.09 -14.27 28.02
C GLY B 94 -18.71 -14.32 28.65
N TYR B 95 -17.67 -14.10 27.85
CA TYR B 95 -16.31 -14.10 28.38
C TYR B 95 -16.14 -13.00 29.41
N LEU B 96 -16.61 -11.80 29.07
CA LEU B 96 -16.54 -10.65 29.97
C LEU B 96 -17.35 -10.95 31.22
N TYR B 97 -18.48 -11.64 31.05
CA TYR B 97 -19.30 -11.99 32.19
C TYR B 97 -18.55 -12.91 33.15
N ARG B 98 -17.84 -13.90 32.60
CA ARG B 98 -17.06 -14.80 33.43
C ARG B 98 -15.94 -14.04 34.15
N CYS B 99 -15.30 -13.12 33.43
CA CYS B 99 -14.21 -12.33 34.01
C CYS B 99 -14.72 -11.49 35.17
N VAL B 100 -15.79 -10.73 34.95
CA VAL B 100 -16.33 -9.87 36.01
C VAL B 100 -16.86 -10.72 37.15
N GLN B 101 -17.41 -11.90 36.85
CA GLN B 101 -17.91 -12.78 37.90
C GLN B 101 -16.77 -13.22 38.81
N GLU B 102 -15.66 -13.66 38.21
CA GLU B 102 -14.52 -14.08 39.01
C GLU B 102 -13.95 -12.90 39.79
N LEU B 103 -13.87 -11.73 39.16
CA LEU B 103 -13.34 -10.55 39.85
C LEU B 103 -14.20 -10.18 41.05
N ARG B 104 -15.52 -10.17 40.87
CA ARG B 104 -16.42 -9.83 41.98
C ARG B 104 -16.35 -10.87 43.08
N GLN B 105 -16.28 -12.15 42.72
CA GLN B 105 -16.19 -13.20 43.73
C GLN B 105 -14.92 -13.05 44.54
N GLY B 106 -13.80 -12.81 43.85
CA GLY B 106 -12.54 -12.64 44.55
C GLY B 106 -12.55 -11.41 45.46
N LEU B 107 -13.12 -10.32 44.97
CA LEU B 107 -13.18 -9.10 45.77
C LEU B 107 -14.03 -9.32 47.02
N LEU B 108 -15.17 -9.99 46.87
CA LEU B 108 -16.02 -10.26 48.03
C LEU B 108 -15.32 -11.17 49.02
N VAL B 109 -14.65 -12.21 48.52
CA VAL B 109 -13.93 -13.14 49.39
C VAL B 109 -12.85 -12.42 50.17
N TRP B 110 -12.09 -11.57 49.49
CA TRP B 110 -11.03 -10.81 50.14
C TRP B 110 -11.58 -9.82 51.16
N GLN B 111 -12.66 -9.13 50.79
CA GLN B 111 -13.26 -8.15 51.70
C GLN B 111 -13.77 -8.82 52.97
N GLN B 112 -14.37 -10.00 52.84
CA GLN B 112 -14.86 -10.71 54.00
C GLN B 112 -13.70 -11.11 54.90
N GLU B 113 -13.94 -11.07 56.21
CA GLU B 113 -12.89 -11.43 57.17
C GLU B 113 -12.40 -12.85 56.93
N GLU B 114 -13.34 -13.78 56.76
CA GLU B 114 -13.04 -15.18 56.51
C GLU B 114 -14.26 -15.87 55.93
N PRO B 115 -14.40 -15.92 54.61
CA PRO B 115 -15.56 -16.57 54.01
C PRO B 115 -15.48 -18.09 54.15
N SER B 116 -16.63 -18.72 53.98
CA SER B 116 -16.71 -20.18 54.10
C SER B 116 -15.90 -20.88 53.03
N GLU B 117 -15.44 -22.09 53.37
CA GLU B 117 -14.67 -22.87 52.42
C GLU B 117 -15.45 -23.15 51.14
N PHE B 118 -16.79 -23.18 51.21
CA PHE B 118 -17.61 -23.37 50.03
C PHE B 118 -17.45 -22.18 49.09
N ASP B 119 -17.48 -20.97 49.65
CA ASP B 119 -17.30 -19.76 48.85
C ASP B 119 -15.90 -19.73 48.26
N LEU B 120 -14.90 -20.12 49.06
CA LEU B 120 -13.53 -20.14 48.56
C LEU B 120 -13.39 -21.12 47.40
N ALA B 121 -14.00 -22.30 47.54
CA ALA B 121 -13.96 -23.30 46.47
C ALA B 121 -14.66 -22.77 45.24
N TYR B 122 -15.76 -22.03 45.43
CA TYR B 122 -16.47 -21.46 44.29
C TYR B 122 -15.57 -20.48 43.54
N ALA B 123 -14.84 -19.64 44.28
CA ALA B 123 -13.94 -18.69 43.64
C ALA B 123 -12.84 -19.44 42.88
N ASP B 124 -12.32 -20.51 43.47
CA ASP B 124 -11.29 -21.29 42.80
C ASP B 124 -11.84 -21.93 41.53
N PHE B 125 -13.08 -22.40 41.58
CA PHE B 125 -13.73 -23.00 40.41
C PHE B 125 -13.83 -21.97 39.29
N LEU B 126 -14.25 -20.75 39.64
CA LEU B 126 -14.36 -19.70 38.64
C LEU B 126 -12.99 -19.38 38.04
N ALA B 127 -11.96 -19.33 38.87
CA ALA B 127 -10.61 -19.07 38.39
C ALA B 127 -10.12 -20.15 37.45
N LEU B 128 -10.38 -21.41 37.77
CA LEU B 128 -9.95 -22.49 36.88
C LEU B 128 -10.68 -22.43 35.54
N ASP B 129 -11.99 -22.16 35.57
CA ASP B 129 -12.75 -22.07 34.33
C ASP B 129 -12.23 -20.92 33.47
N ILE B 130 -11.98 -19.76 34.08
CA ILE B 130 -11.49 -18.62 33.31
C ILE B 130 -10.09 -18.91 32.77
N SER B 131 -9.29 -19.68 33.51
CA SER B 131 -7.95 -20.03 33.03
C SER B 131 -8.04 -20.88 31.77
N MET B 132 -8.93 -21.88 31.79
CA MET B 132 -9.11 -22.73 30.63
C MET B 132 -9.57 -21.90 29.43
N LEU B 133 -10.54 -21.02 29.67
CA LEU B 133 -11.02 -20.17 28.58
C LEU B 133 -9.92 -19.25 28.09
N ARG B 134 -9.03 -18.80 28.96
CA ARG B 134 -7.93 -17.93 28.53
C ARG B 134 -7.01 -18.69 27.59
N LEU B 135 -6.71 -19.95 27.91
CA LEU B 135 -5.84 -20.73 27.05
C LEU B 135 -6.48 -20.92 25.68
N PHE B 136 -7.77 -21.29 25.67
CA PHE B 136 -8.45 -21.49 24.40
C PHE B 136 -8.51 -20.18 23.60
N GLU B 137 -8.79 -19.07 24.29
CA GLU B 137 -8.88 -17.78 23.62
C GLU B 137 -7.55 -17.35 23.04
N THR B 138 -6.45 -17.56 23.78
CA THR B 138 -5.16 -17.13 23.25
C THR B 138 -4.81 -17.94 22.01
N PHE B 139 -4.90 -19.28 22.08
CA PHE B 139 -4.56 -20.05 20.90
C PHE B 139 -5.56 -19.93 19.76
N LEU B 140 -6.75 -19.39 20.02
CA LEU B 140 -7.71 -19.23 18.94
C LEU B 140 -7.73 -17.83 18.35
N GLU B 141 -7.24 -16.82 19.08
CA GLU B 141 -7.24 -15.44 18.61
C GLU B 141 -5.86 -14.80 18.56
N THR B 142 -5.08 -14.86 19.64
CA THR B 142 -3.79 -14.18 19.65
C THR B 142 -2.84 -14.74 18.59
N ALA B 143 -2.71 -16.06 18.51
CA ALA B 143 -1.82 -16.64 17.51
C ALA B 143 -2.24 -16.29 16.09
N PRO B 144 -3.51 -16.49 15.68
CA PRO B 144 -3.87 -16.09 14.30
C PRO B 144 -3.70 -14.61 14.07
N GLN B 145 -4.03 -13.78 15.06
CA GLN B 145 -3.87 -12.34 14.91
C GLN B 145 -2.40 -11.98 14.77
N LEU B 146 -1.53 -12.61 15.56
CA LEU B 146 -0.11 -12.34 15.47
C LEU B 146 0.44 -12.74 14.10
N THR B 147 0.02 -13.91 13.60
CA THR B 147 0.48 -14.34 12.29
C THR B 147 0.01 -13.37 11.21
N LEU B 148 -1.24 -12.94 11.29
CA LEU B 148 -1.78 -12.01 10.30
C LEU B 148 -1.04 -10.68 10.34
N VAL B 149 -0.78 -10.18 11.55
CA VAL B 149 -0.07 -8.90 11.68
C VAL B 149 1.34 -9.00 11.11
N LEU B 150 2.05 -10.09 11.44
CA LEU B 150 3.41 -10.25 10.93
C LEU B 150 3.40 -10.40 9.41
N ALA B 151 2.42 -11.13 8.88
CA ALA B 151 2.34 -11.29 7.43
C ALA B 151 2.07 -9.96 6.75
N ILE B 152 1.17 -9.16 7.31
CA ILE B 152 0.85 -7.86 6.75
C ILE B 152 2.07 -6.96 6.79
N MET B 153 2.80 -6.95 7.90
CA MET B 153 3.98 -6.10 8.01
C MET B 153 5.04 -6.51 6.99
N LEU B 154 5.34 -7.81 6.92
CA LEU B 154 6.35 -8.30 5.98
C LEU B 154 5.92 -8.11 4.53
N GLN B 155 4.61 -8.09 4.26
CA GLN B 155 4.14 -7.93 2.89
C GLN B 155 4.15 -6.47 2.46
N SER B 156 3.50 -5.59 3.23
CA SER B 156 3.46 -4.18 2.88
C SER B 156 4.84 -3.55 2.95
N GLY B 157 5.62 -3.87 3.98
CA GLY B 157 6.94 -3.32 4.15
C GLY B 157 6.98 -2.10 5.04
N ARG B 158 5.82 -1.53 5.38
CA ARG B 158 5.73 -0.35 6.23
C ARG B 158 5.16 -0.75 7.59
N ALA B 159 6.03 -0.89 8.57
CA ALA B 159 5.63 -1.26 9.92
C ALA B 159 5.21 0.00 10.68
N GLU B 160 4.16 -0.11 11.48
CA GLU B 160 3.66 1.04 12.22
C GLU B 160 3.69 0.80 13.73
N TYR B 161 3.50 1.90 14.46
CA TYR B 161 3.49 1.85 15.91
C TYR B 161 2.36 0.97 16.42
N TYR B 162 1.17 1.10 15.82
CA TYR B 162 0.05 0.27 16.28
C TYR B 162 0.34 -1.20 16.04
N GLN B 163 0.99 -1.55 14.92
CA GLN B 163 1.32 -2.94 14.66
C GLN B 163 2.35 -3.45 15.66
N TRP B 164 3.34 -2.63 15.99
CA TRP B 164 4.34 -3.04 16.97
C TRP B 164 3.69 -3.25 18.34
N VAL B 165 2.79 -2.35 18.72
CA VAL B 165 2.09 -2.47 19.99
C VAL B 165 1.24 -3.73 19.98
N GLY B 166 0.61 -4.03 18.85
CA GLY B 166 -0.20 -5.23 18.76
C GLY B 166 0.61 -6.49 18.94
N ILE B 167 1.78 -6.58 18.30
CA ILE B 167 2.60 -7.77 18.47
C ILE B 167 3.13 -7.88 19.89
N CYS B 168 3.49 -6.76 20.53
CA CYS B 168 3.94 -6.84 21.91
C CYS B 168 2.82 -7.27 22.84
N THR B 169 1.59 -6.77 22.60
CA THR B 169 0.46 -7.16 23.42
C THR B 169 0.15 -8.64 23.22
N SER B 170 0.29 -9.12 21.99
CA SER B 170 0.05 -10.53 21.71
C SER B 170 1.07 -11.38 22.46
N PHE B 171 2.32 -10.92 22.49
CA PHE B 171 3.35 -11.66 23.23
C PHE B 171 3.01 -11.72 24.72
N LEU B 172 2.62 -10.58 25.29
CA LEU B 172 2.27 -10.55 26.71
C LEU B 172 1.07 -11.45 27.00
N GLY B 173 0.06 -11.42 26.12
CA GLY B 173 -1.11 -12.24 26.33
C GLY B 173 -0.78 -13.72 26.28
N ILE B 174 0.02 -14.14 25.30
CA ILE B 174 0.39 -15.55 25.19
C ILE B 174 1.17 -15.97 26.42
N SER B 175 2.08 -15.11 26.89
CA SER B 175 2.86 -15.42 28.08
C SER B 175 1.98 -15.63 29.30
N TRP B 176 1.08 -14.68 29.56
CA TRP B 176 0.20 -14.79 30.72
C TRP B 176 -0.70 -16.01 30.60
N ALA B 177 -1.24 -16.26 29.40
CA ALA B 177 -2.11 -17.41 29.21
C ALA B 177 -1.41 -18.73 29.51
N LEU B 178 -0.22 -18.92 28.96
CA LEU B 178 0.52 -20.16 29.23
C LEU B 178 0.90 -20.29 30.69
N LEU B 179 1.34 -19.19 31.33
CA LEU B 179 1.71 -19.24 32.73
C LEU B 179 0.50 -19.62 33.58
N ASP B 180 -0.65 -19.00 33.32
CA ASP B 180 -1.86 -19.29 34.08
C ASP B 180 -2.33 -20.73 33.86
N TYR B 181 -2.25 -21.21 32.62
CA TYR B 181 -2.67 -22.58 32.35
C TYR B 181 -1.80 -23.57 33.10
N HIS B 182 -0.48 -23.37 33.09
CA HIS B 182 0.37 -24.29 33.83
C HIS B 182 0.14 -24.15 35.32
N ARG B 183 -0.17 -22.93 35.78
CA ARG B 183 -0.45 -22.71 37.19
C ARG B 183 -1.66 -23.52 37.63
N ALA B 184 -2.72 -23.47 36.83
CA ALA B 184 -3.92 -24.23 37.14
C ALA B 184 -3.65 -25.73 37.12
N LEU B 185 -2.92 -26.18 36.08
CA LEU B 185 -2.61 -27.61 35.98
C LEU B 185 -1.83 -28.10 37.18
N ARG B 186 -0.85 -27.33 37.62
CA ARG B 186 -0.06 -27.74 38.78
C ARG B 186 -0.81 -27.57 40.09
N THR B 187 -1.81 -26.67 40.13
CA THR B 187 -2.58 -26.47 41.35
C THR B 187 -3.64 -27.54 41.53
N CYS B 188 -4.08 -28.18 40.43
CA CYS B 188 -5.08 -29.22 40.56
C CYS B 188 -4.50 -30.54 41.10
N LEU B 189 -3.15 -30.63 41.22
CA LEU B 189 -2.46 -31.82 41.71
C LEU B 189 -2.15 -31.71 43.20
N PRO B 190 -2.54 -32.72 43.99
CA PRO B 190 -2.31 -32.70 45.44
C PRO B 190 -0.88 -32.59 45.94
N SER B 191 -0.76 -31.94 47.10
CA SER B 191 0.44 -31.70 47.92
C SER B 191 1.41 -30.65 47.39
N LYS B 192 1.29 -30.18 46.14
CA LYS B 192 2.17 -29.18 45.52
C LYS B 192 3.58 -29.24 46.11
N PRO B 193 4.31 -30.35 45.92
CA PRO B 193 5.64 -30.48 46.52
C PRO B 193 6.77 -29.73 45.82
N LEU B 194 6.60 -29.30 44.57
CA LEU B 194 7.66 -28.61 43.87
C LEU B 194 7.36 -27.11 43.76
N LEU B 195 8.42 -26.33 43.61
CA LEU B 195 8.31 -24.87 43.47
C LEU B 195 7.65 -24.53 42.14
N GLY B 196 6.32 -24.63 42.15
CA GLY B 196 5.50 -24.37 40.98
C GLY B 196 5.78 -23.13 40.17
N LEU B 197 6.22 -22.05 40.81
CA LEU B 197 6.50 -20.84 40.04
C LEU B 197 7.63 -21.07 39.04
N GLY B 198 8.70 -21.74 39.47
CA GLY B 198 9.79 -22.03 38.56
C GLY B 198 9.40 -22.97 37.44
N SER B 199 8.63 -24.01 37.77
CA SER B 199 8.20 -24.95 36.74
C SER B 199 7.29 -24.26 35.73
N SER B 200 6.38 -23.41 36.20
CA SER B 200 5.50 -22.70 35.29
C SER B 200 6.29 -21.74 34.40
N VAL B 201 7.28 -21.06 34.99
CA VAL B 201 8.08 -20.12 34.21
C VAL B 201 8.84 -20.86 33.11
N ILE B 202 9.50 -21.97 33.46
CA ILE B 202 10.23 -22.72 32.43
C ILE B 202 9.29 -23.32 31.39
N TYR B 203 8.09 -23.74 31.80
CA TYR B 203 7.13 -24.28 30.85
C TYR B 203 6.74 -23.21 29.83
N PHE B 204 6.37 -22.03 30.33
CA PHE B 204 6.00 -20.95 29.42
C PHE B 204 7.17 -20.55 28.55
N LEU B 205 8.37 -20.54 29.12
CA LEU B 205 9.55 -20.16 28.35
C LEU B 205 9.76 -21.08 27.15
N TRP B 206 9.80 -22.39 27.38
CA TRP B 206 10.02 -23.27 26.24
C TRP B 206 8.83 -23.25 25.28
N ASN B 207 7.61 -23.20 25.80
CA ASN B 207 6.45 -23.19 24.93
C ASN B 207 6.47 -21.99 24.00
N LEU B 208 6.71 -20.79 24.53
CA LEU B 208 6.75 -19.60 23.69
C LEU B 208 7.96 -19.61 22.77
N LEU B 209 9.10 -20.09 23.26
CA LEU B 209 10.31 -20.14 22.44
C LEU B 209 10.11 -21.02 21.22
N LEU B 210 9.34 -22.11 21.34
CA LEU B 210 9.14 -22.91 20.15
C LEU B 210 7.91 -22.47 19.38
N LEU B 211 7.01 -21.72 20.02
CA LEU B 211 5.81 -21.25 19.33
C LEU B 211 6.12 -20.11 18.37
N TRP B 212 6.97 -19.17 18.79
CA TRP B 212 7.30 -18.03 17.93
C TRP B 212 7.82 -18.41 16.55
N PRO B 213 8.77 -19.35 16.42
CA PRO B 213 9.25 -19.70 15.08
C PRO B 213 8.14 -20.19 14.16
N ARG B 214 7.18 -20.93 14.71
CA ARG B 214 6.07 -21.42 13.89
C ARG B 214 5.24 -20.25 13.38
N VAL B 215 4.97 -19.28 14.25
CA VAL B 215 4.19 -18.12 13.84
C VAL B 215 4.93 -17.35 12.75
N LEU B 216 6.25 -17.18 12.93
CA LEU B 216 7.03 -16.47 11.92
C LEU B 216 7.02 -17.19 10.59
N ALA B 217 7.15 -18.52 10.60
CA ALA B 217 7.14 -19.29 9.36
C ALA B 217 5.79 -19.17 8.66
N VAL B 218 4.70 -19.27 9.43
CA VAL B 218 3.38 -19.14 8.82
C VAL B 218 3.21 -17.75 8.23
N ALA B 219 3.72 -16.73 8.93
CA ALA B 219 3.63 -15.36 8.43
C ALA B 219 4.38 -15.20 7.12
N LEU B 220 5.58 -15.78 7.04
CA LEU B 220 6.36 -15.70 5.81
C LEU B 220 5.62 -16.37 4.66
N PHE B 221 5.07 -17.55 4.91
CA PHE B 221 4.33 -18.23 3.85
C PHE B 221 3.13 -17.39 3.42
N SER B 222 2.45 -16.78 4.39
CA SER B 222 1.29 -15.95 4.08
C SER B 222 1.66 -14.73 3.24
N ALA B 223 2.82 -14.12 3.52
CA ALA B 223 3.25 -12.96 2.74
C ALA B 223 3.77 -13.34 1.37
N LEU B 224 4.25 -14.57 1.19
CA LEU B 224 4.73 -15.01 -0.11
C LEU B 224 3.63 -15.57 -1.00
N PHE B 225 2.58 -16.15 -0.42
CA PHE B 225 1.47 -16.71 -1.17
C PHE B 225 0.20 -16.56 -0.34
N PRO B 226 -0.40 -15.37 -0.37
CA PRO B 226 -1.63 -15.16 0.42
C PRO B 226 -2.81 -15.97 -0.05
N SER B 227 -2.78 -16.53 -1.26
CA SER B 227 -3.88 -17.32 -1.79
C SER B 227 -3.78 -18.80 -1.44
N TYR B 228 -2.65 -19.25 -0.88
CA TYR B 228 -2.48 -20.65 -0.51
C TYR B 228 -2.59 -20.89 0.99
N VAL B 229 -2.66 -19.83 1.79
CA VAL B 229 -2.78 -20.00 3.24
C VAL B 229 -4.06 -20.72 3.58
N ALA B 230 -5.16 -20.37 2.91
CA ALA B 230 -6.44 -21.01 3.18
C ALA B 230 -6.37 -22.51 2.95
N LEU B 231 -5.87 -22.92 1.77
CA LEU B 231 -5.77 -24.34 1.46
C LEU B 231 -4.82 -25.07 2.42
N HIS B 232 -3.65 -24.48 2.68
CA HIS B 232 -2.69 -25.11 3.58
C HIS B 232 -3.27 -25.31 4.96
N PHE B 233 -3.85 -24.26 5.54
CA PHE B 233 -4.43 -24.35 6.87
C PHE B 233 -5.59 -25.33 6.90
N LEU B 234 -6.45 -25.31 5.88
CA LEU B 234 -7.58 -26.23 5.86
C LEU B 234 -7.11 -27.67 5.81
N GLY B 235 -6.11 -27.96 4.98
CA GLY B 235 -5.60 -29.32 4.90
C GLY B 235 -5.00 -29.81 6.20
N LEU B 236 -4.07 -29.02 6.76
CA LEU B 236 -3.45 -29.44 8.02
C LEU B 236 -4.47 -29.54 9.14
N TRP B 237 -5.39 -28.58 9.21
CA TRP B 237 -6.43 -28.58 10.24
C TRP B 237 -7.32 -29.81 10.10
N LEU B 238 -7.69 -30.18 8.88
CA LEU B 238 -8.53 -31.35 8.67
C LEU B 238 -7.80 -32.61 9.10
N VAL B 239 -6.51 -32.70 8.77
CA VAL B 239 -5.74 -33.88 9.17
C VAL B 239 -5.66 -33.97 10.69
N LEU B 240 -5.41 -32.86 11.36
CA LEU B 240 -5.34 -32.86 12.81
C LEU B 240 -6.68 -33.23 13.42
N LEU B 241 -7.77 -32.73 12.82
CA LEU B 241 -9.11 -33.03 13.29
C LEU B 241 -9.37 -34.52 13.19
N LEU B 242 -8.96 -35.13 12.07
CA LEU B 242 -9.14 -36.57 11.90
C LEU B 242 -8.32 -37.33 12.93
N TRP B 243 -7.11 -36.84 13.22
CA TRP B 243 -6.28 -37.49 14.24
C TRP B 243 -6.97 -37.46 15.59
N VAL B 244 -7.55 -36.30 15.94
CA VAL B 244 -8.26 -36.19 17.21
C VAL B 244 -9.48 -37.11 17.21
N TRP B 245 -10.17 -37.21 16.07
CA TRP B 245 -11.32 -38.10 15.98
C TRP B 245 -10.89 -39.53 16.24
N LEU B 246 -9.74 -39.93 15.71
CA LEU B 246 -9.22 -41.26 15.95
C LEU B 246 -8.81 -41.42 17.41
N GLN B 247 -8.46 -40.32 18.07
CA GLN B 247 -8.08 -40.31 19.47
C GLN B 247 -9.34 -40.26 20.33
N GLY B 248 -9.15 -40.41 21.64
CA GLY B 248 -10.25 -40.37 22.58
C GLY B 248 -10.45 -38.98 23.13
N THR B 249 -11.71 -38.59 23.32
CA THR B 249 -12.04 -37.26 23.83
C THR B 249 -13.31 -37.31 24.67
N ASP B 250 -13.16 -37.08 25.97
CA ASP B 250 -14.27 -37.07 26.92
C ASP B 250 -14.10 -35.89 27.86
N PHE B 251 -13.81 -34.72 27.30
CA PHE B 251 -13.58 -33.51 28.09
C PHE B 251 -14.85 -32.88 28.66
N MET B 252 -15.94 -32.83 27.90
CA MET B 252 -17.15 -32.23 28.44
C MET B 252 -18.31 -33.21 28.40
N PRO B 253 -19.29 -33.05 29.30
CA PRO B 253 -20.43 -33.98 29.35
C PRO B 253 -21.17 -34.22 28.05
N ASP B 254 -21.46 -33.17 27.29
CA ASP B 254 -22.19 -33.34 26.04
C ASP B 254 -21.31 -34.04 25.01
N PRO B 255 -21.71 -35.21 24.52
CA PRO B 255 -20.91 -35.90 23.50
C PRO B 255 -21.03 -35.25 22.15
N SER B 256 -22.25 -34.88 21.78
CA SER B 256 -22.50 -34.24 20.49
C SER B 256 -21.79 -32.89 20.39
N SER B 257 -21.79 -32.13 21.48
CA SER B 257 -21.15 -30.81 21.48
C SER B 257 -19.62 -30.89 21.46
N GLU B 258 -19.03 -32.07 21.53
CA GLU B 258 -17.58 -32.18 21.54
C GLU B 258 -16.92 -31.80 20.23
N TRP B 259 -17.69 -31.63 19.15
CA TRP B 259 -17.12 -31.24 17.86
C TRP B 259 -16.34 -29.94 18.05
N LEU B 260 -16.86 -29.05 18.90
CA LEU B 260 -16.17 -27.79 19.17
C LEU B 260 -14.84 -28.05 19.86
N TYR B 261 -14.83 -28.99 20.83
CA TYR B 261 -13.59 -29.30 21.53
C TYR B 261 -12.55 -29.88 20.59
N ARG B 262 -12.98 -30.80 19.72
CA ARG B 262 -12.04 -31.40 18.77
C ARG B 262 -11.52 -30.35 17.80
N VAL B 263 -12.39 -29.43 17.37
CA VAL B 263 -11.97 -28.37 16.46
C VAL B 263 -10.91 -27.49 17.13
N THR B 264 -11.18 -27.09 18.38
CA THR B 264 -10.24 -26.26 19.11
C THR B 264 -8.92 -26.98 19.35
N VAL B 265 -8.99 -28.28 19.65
CA VAL B 265 -7.77 -29.06 19.87
C VAL B 265 -6.96 -29.13 18.59
N ALA B 266 -7.63 -29.32 17.46
CA ALA B 266 -6.91 -29.36 16.19
C ALA B 266 -6.25 -28.02 15.91
N THR B 267 -6.97 -26.93 16.15
CA THR B 267 -6.42 -25.60 15.91
C THR B 267 -5.23 -25.32 16.81
N ILE B 268 -5.32 -25.68 18.10
CA ILE B 268 -4.19 -25.45 19.00
C ILE B 268 -3.02 -26.34 18.64
N LEU B 269 -3.30 -27.53 18.10
CA LEU B 269 -2.22 -28.42 17.69
C LEU B 269 -1.52 -27.87 16.46
N TYR B 270 -2.25 -27.14 15.62
CA TYR B 270 -1.65 -26.57 14.42
C TYR B 270 -0.50 -25.62 14.75
N PHE B 271 -0.50 -25.05 15.97
CA PHE B 271 0.54 -24.12 16.38
C PHE B 271 1.51 -24.65 17.43
N SER B 272 1.07 -25.55 18.31
CA SER B 272 1.98 -26.06 19.34
C SER B 272 1.49 -27.44 19.79
N TRP B 273 2.00 -27.91 20.93
CA TRP B 273 1.64 -29.22 21.48
C TRP B 273 0.64 -29.05 22.60
N PHE B 274 -0.43 -29.85 22.56
CA PHE B 274 -1.48 -29.82 23.56
C PHE B 274 -1.90 -31.26 23.81
N ASN B 275 -1.72 -31.74 25.05
CA ASN B 275 -2.09 -33.10 25.38
C ASN B 275 -3.56 -33.35 25.07
N VAL B 276 -3.85 -34.48 24.42
CA VAL B 276 -5.20 -34.82 24.04
C VAL B 276 -5.83 -35.84 25.00
N ALA B 277 -5.23 -37.01 25.15
CA ALA B 277 -5.78 -38.03 26.05
C ALA B 277 -4.73 -39.12 26.26
N GLU B 278 -5.17 -40.25 26.81
CA GLU B 278 -4.37 -41.44 27.13
C GLU B 278 -3.28 -41.07 28.12
N GLY B 279 -2.20 -41.85 28.17
CA GLY B 279 -1.11 -41.59 29.08
C GLY B 279 0.24 -41.90 28.47
N ARG B 280 0.25 -42.35 27.21
CA ARG B 280 1.50 -42.69 26.52
C ARG B 280 2.10 -41.42 25.91
N THR B 281 3.24 -41.00 26.42
CA THR B 281 3.92 -39.81 25.92
C THR B 281 5.18 -40.22 25.16
N ARG B 282 5.85 -39.21 24.58
CA ARG B 282 7.08 -39.32 23.81
C ARG B 282 6.79 -39.95 22.45
N GLY B 283 5.59 -40.48 22.25
CA GLY B 283 5.25 -41.05 20.95
C GLY B 283 4.56 -40.02 20.08
N ARG B 284 3.40 -39.55 20.53
CA ARG B 284 2.64 -38.55 19.81
C ARG B 284 3.31 -37.19 19.85
N ALA B 285 4.02 -36.87 20.94
CA ALA B 285 4.72 -35.59 21.01
C ALA B 285 5.83 -35.58 19.97
N ILE B 286 6.54 -36.70 19.82
CA ILE B 286 7.62 -36.78 18.84
C ILE B 286 7.05 -36.72 17.43
N ILE B 287 5.94 -37.42 17.17
CA ILE B 287 5.34 -37.36 15.84
C ILE B 287 4.90 -35.95 15.52
N HIS B 288 4.26 -35.28 16.48
CA HIS B 288 3.81 -33.91 16.29
C HIS B 288 4.99 -32.98 16.04
N PHE B 289 6.06 -33.15 16.81
CA PHE B 289 7.24 -32.31 16.63
C PHE B 289 7.84 -32.49 15.25
N ALA B 290 7.91 -33.73 14.77
CA ALA B 290 8.45 -33.96 13.43
C ALA B 290 7.57 -33.32 12.38
N PHE B 291 6.25 -33.43 12.54
CA PHE B 291 5.33 -32.83 11.57
C PHE B 291 5.48 -31.31 11.54
N LEU B 292 5.53 -30.70 12.73
CA LEU B 292 5.68 -29.25 12.83
C LEU B 292 7.00 -28.79 12.24
N LEU B 293 8.09 -29.52 12.55
CA LEU B 293 9.39 -29.15 12.02
C LEU B 293 9.41 -29.26 10.51
N SER B 294 8.81 -30.32 9.96
CA SER B 294 8.78 -30.48 8.51
C SER B 294 8.00 -29.35 7.85
N ASP B 295 6.84 -29.01 8.40
CA ASP B 295 6.04 -27.93 7.81
C ASP B 295 6.77 -26.59 7.91
N SER B 296 7.38 -26.30 9.06
CA SER B 296 8.11 -25.04 9.21
C SER B 296 9.28 -24.97 8.24
N ILE B 297 10.02 -26.07 8.09
CA ILE B 297 11.16 -26.09 7.18
C ILE B 297 10.68 -25.90 5.75
N LEU B 298 9.56 -26.52 5.39
CA LEU B 298 9.04 -26.38 4.03
C LEU B 298 8.67 -24.91 3.76
N LEU B 299 8.02 -24.27 4.73
CA LEU B 299 7.66 -22.87 4.55
C LEU B 299 8.89 -21.99 4.43
N VAL B 300 9.91 -22.26 5.25
CA VAL B 300 11.16 -21.49 5.19
C VAL B 300 11.82 -21.68 3.83
N ALA B 301 11.79 -22.91 3.32
CA ALA B 301 12.37 -23.19 2.01
C ALA B 301 11.64 -22.41 0.93
N THR B 302 10.31 -22.34 1.05
CA THR B 302 9.55 -21.57 0.06
C THR B 302 9.94 -20.10 0.12
N TRP B 303 10.12 -19.55 1.33
CA TRP B 303 10.53 -18.16 1.44
C TRP B 303 11.89 -17.95 0.81
N VAL B 304 12.82 -18.88 1.05
CA VAL B 304 14.15 -18.77 0.46
C VAL B 304 14.11 -18.83 -1.05
N THR B 305 13.27 -19.69 -1.60
CA THR B 305 13.16 -19.79 -3.06
C THR B 305 12.63 -18.49 -3.63
N HIS B 306 11.58 -17.94 -3.02
CA HIS B 306 11.00 -16.67 -3.48
C HIS B 306 11.49 -15.53 -2.59
N SER B 307 12.82 -15.45 -2.46
CA SER B 307 13.48 -14.45 -1.64
C SER B 307 13.19 -13.01 -2.09
N SER B 308 13.54 -12.68 -3.33
CA SER B 308 13.32 -11.33 -3.86
C SER B 308 11.86 -11.19 -4.25
N TRP B 309 10.99 -11.17 -3.26
CA TRP B 309 9.56 -11.04 -3.50
C TRP B 309 8.86 -10.17 -2.48
N LEU B 310 9.56 -9.61 -1.50
CA LEU B 310 8.98 -8.77 -0.46
C LEU B 310 9.75 -7.47 -0.31
N PRO B 311 9.08 -6.39 0.08
CA PRO B 311 9.77 -5.12 0.26
C PRO B 311 10.75 -5.18 1.43
N SER B 312 11.77 -4.33 1.37
CA SER B 312 12.80 -4.27 2.42
C SER B 312 12.24 -3.54 3.63
N GLY B 313 11.56 -4.30 4.49
CA GLY B 313 10.98 -3.76 5.70
C GLY B 313 11.66 -4.27 6.96
N ILE B 314 11.02 -5.25 7.61
CA ILE B 314 11.61 -5.82 8.83
C ILE B 314 12.88 -6.58 8.47
N PRO B 315 13.98 -6.44 9.21
CA PRO B 315 15.19 -7.17 8.85
C PRO B 315 15.05 -8.68 8.99
N LEU B 316 14.98 -9.36 7.85
CA LEU B 316 14.83 -10.82 7.87
C LEU B 316 16.16 -11.51 8.14
N GLN B 317 17.28 -10.92 7.67
CA GLN B 317 18.63 -11.45 7.87
C GLN B 317 19.09 -11.36 9.31
N LEU B 318 18.21 -10.80 10.12
CA LEU B 318 18.37 -10.62 11.55
C LEU B 318 17.27 -11.33 12.32
N TRP B 319 16.05 -11.37 11.79
CA TRP B 319 14.97 -12.07 12.48
C TRP B 319 15.12 -13.58 12.37
N LEU B 320 15.53 -14.08 11.20
CA LEU B 320 15.70 -15.52 11.01
C LEU B 320 16.73 -16.13 11.96
N PRO B 321 17.94 -15.56 12.13
CA PRO B 321 18.87 -16.17 13.09
C PRO B 321 18.29 -16.20 14.49
N VAL B 322 17.55 -15.15 14.86
CA VAL B 322 16.91 -15.13 16.16
C VAL B 322 15.89 -16.24 16.25
N GLY B 323 15.19 -16.52 15.14
CA GLY B 323 14.21 -17.59 15.13
C GLY B 323 14.85 -18.95 15.34
N CYS B 324 15.97 -19.20 14.64
CA CYS B 324 16.65 -20.48 14.80
C CYS B 324 17.19 -20.64 16.22
N GLY B 325 17.77 -19.57 16.77
CA GLY B 325 18.27 -19.64 18.13
C GLY B 325 17.15 -19.90 19.13
N CYS B 326 16.01 -19.24 18.92
CA CYS B 326 14.87 -19.43 19.80
C CYS B 326 14.36 -20.86 19.71
N PHE B 327 14.34 -21.42 18.50
CA PHE B 327 13.88 -22.80 18.32
C PHE B 327 14.78 -23.76 19.07
N PHE B 328 16.10 -23.58 18.93
CA PHE B 328 17.03 -24.45 19.63
C PHE B 328 16.90 -24.31 21.15
N LEU B 329 16.80 -23.07 21.64
CA LEU B 329 16.66 -22.84 23.07
C LEU B 329 15.37 -23.46 23.59
N GLY B 330 14.29 -23.33 22.83
CA GLY B 330 13.02 -23.91 23.23
C GLY B 330 13.08 -25.42 23.29
N LEU B 331 13.75 -26.03 22.31
CA LEU B 331 13.88 -27.48 22.32
C LEU B 331 14.66 -27.94 23.55
N ALA B 332 15.77 -27.25 23.85
CA ALA B 332 16.57 -27.61 25.01
C ALA B 332 15.77 -27.48 26.30
N LEU B 333 15.10 -26.34 26.47
CA LEU B 333 14.31 -26.13 27.68
C LEU B 333 13.15 -27.12 27.78
N ARG B 334 12.52 -27.48 26.66
CA ARG B 334 11.43 -28.44 26.70
C ARG B 334 11.96 -29.80 27.13
N LEU B 335 13.12 -30.20 26.63
CA LEU B 335 13.69 -31.48 27.03
C LEU B 335 14.00 -31.47 28.53
N VAL B 336 14.57 -30.37 29.01
CA VAL B 336 14.90 -30.26 30.43
C VAL B 336 13.65 -30.32 31.30
N TYR B 337 12.59 -29.63 30.91
CA TYR B 337 11.36 -29.60 31.68
C TYR B 337 10.62 -30.93 31.64
N TYR B 338 10.66 -31.63 30.50
CA TYR B 338 9.93 -32.89 30.40
C TYR B 338 10.67 -34.06 31.02
N HIS B 339 11.92 -34.28 30.62
CA HIS B 339 12.68 -35.42 31.13
C HIS B 339 12.90 -35.37 32.65
N TRP B 340 13.38 -34.23 33.16
CA TRP B 340 13.69 -34.16 34.60
C TRP B 340 12.67 -33.41 35.45
N LEU B 341 12.42 -32.14 35.16
CA LEU B 341 11.52 -31.32 35.98
C LEU B 341 10.06 -31.47 35.56
N HIS B 342 9.52 -32.67 35.77
CA HIS B 342 8.14 -32.97 35.42
C HIS B 342 7.51 -33.86 36.47
N PRO B 343 6.84 -33.30 37.49
CA PRO B 343 6.20 -34.15 38.49
C PRO B 343 4.85 -34.64 38.00
N SER B 344 4.49 -35.84 38.43
CA SER B 344 3.21 -36.41 38.02
C SER B 344 2.29 -36.57 39.21
N CYS B 345 2.78 -37.24 40.27
CA CYS B 345 2.06 -37.51 41.51
C CYS B 345 0.90 -38.47 41.29
N CYS B 346 0.70 -38.98 40.07
CA CYS B 346 -0.37 -39.91 39.76
C CYS B 346 -1.73 -39.28 40.02
N TRP B 347 -2.73 -40.11 40.32
CA TRP B 347 -4.07 -39.60 40.60
C TRP B 347 -4.34 -39.55 42.10
N LEU B 368 -19.05 -29.38 48.38
CA LEU B 368 -17.95 -28.63 47.81
C LEU B 368 -17.80 -28.89 46.31
N PRO B 369 -18.02 -27.87 45.49
CA PRO B 369 -17.89 -28.06 44.04
C PRO B 369 -16.44 -28.22 43.63
N GLN B 370 -16.19 -29.24 42.80
CA GLN B 370 -14.86 -29.54 42.30
C GLN B 370 -14.88 -29.43 40.77
N ASN B 371 -13.92 -28.69 40.22
CA ASN B 371 -13.87 -28.51 38.78
C ASN B 371 -13.39 -29.79 38.11
N ARG B 372 -14.33 -30.63 37.64
CA ARG B 372 -13.96 -31.88 37.00
C ARG B 372 -13.27 -31.68 35.67
N ARG B 373 -13.51 -30.58 34.96
CA ARG B 373 -12.82 -30.38 33.69
C ARG B 373 -11.32 -30.21 33.93
N MET B 374 -10.96 -29.38 34.91
CA MET B 374 -9.55 -29.19 35.23
C MET B 374 -8.93 -30.46 35.79
N THR B 375 -9.70 -31.22 36.57
CA THR B 375 -9.17 -32.48 37.09
C THR B 375 -8.89 -33.44 35.94
N HIS B 376 -9.81 -33.49 34.98
CA HIS B 376 -9.68 -34.35 33.81
C HIS B 376 -8.41 -34.01 33.05
N LEU B 377 -8.24 -32.72 32.74
CA LEU B 377 -7.05 -32.29 32.01
C LEU B 377 -5.77 -32.55 32.78
N ALA B 378 -5.76 -32.25 34.08
CA ALA B 378 -4.57 -32.46 34.89
C ALA B 378 -4.20 -33.94 34.95
N GLN B 379 -5.21 -34.81 35.10
CA GLN B 379 -4.95 -36.24 35.16
C GLN B 379 -4.43 -36.75 33.83
N LYS B 380 -4.94 -36.20 32.72
CA LYS B 380 -4.47 -36.64 31.42
C LYS B 380 -3.15 -35.97 31.05
N PHE B 381 -2.70 -35.04 31.90
CA PHE B 381 -1.45 -34.32 31.70
C PHE B 381 -0.33 -34.86 32.58
N PHE B 382 -0.70 -35.56 33.66
CA PHE B 382 0.26 -36.15 34.60
C PHE B 382 -0.08 -37.64 34.67
N PRO B 383 0.36 -38.42 33.68
CA PRO B 383 0.05 -39.86 33.64
C PRO B 383 0.58 -40.68 34.82
N LYS B 384 1.90 -40.62 35.06
CA LYS B 384 2.52 -41.38 36.14
C LYS B 384 1.83 -41.16 37.48
N PCA C 1 16.94 17.45 -30.88
CA PCA C 1 15.96 16.40 -30.59
CB PCA C 1 16.61 15.26 -29.80
CG PCA C 1 17.91 15.82 -29.26
CD PCA C 1 18.08 17.08 -30.05
OE PCA C 1 19.12 17.73 -30.00
C PCA C 1 14.79 16.94 -29.80
O PCA C 1 14.93 17.27 -28.63
N SER C 2 13.64 17.04 -30.46
CA SER C 2 12.44 17.55 -29.81
C SER C 2 11.20 17.13 -30.60
N VAL C 3 10.03 17.19 -29.97
CA VAL C 3 8.78 16.83 -30.62
C VAL C 3 7.72 17.87 -30.28
N GLU C 4 6.67 17.92 -31.09
CA GLU C 4 5.60 18.90 -30.87
C GLU C 4 4.27 18.36 -31.35
N GLU C 5 3.34 18.17 -30.42
CA GLU C 5 2.00 17.70 -30.71
C GLU C 5 1.13 18.83 -31.27
N SER C 6 0.05 18.44 -31.93
CA SER C 6 -0.94 19.36 -32.49
C SER C 6 -2.21 18.59 -32.78
N GLY C 7 -3.31 19.32 -32.93
CA GLY C 7 -4.59 18.72 -33.22
C GLY C 7 -5.58 18.67 -32.07
N GLY C 8 -5.19 19.13 -30.88
CA GLY C 8 -6.11 19.12 -29.76
C GLY C 8 -7.19 20.16 -29.93
N ARG C 9 -8.41 19.81 -29.54
CA ARG C 9 -9.57 20.68 -29.70
C ARG C 9 -10.76 20.06 -28.99
N LEU C 10 -11.91 20.73 -29.11
CA LEU C 10 -13.16 20.26 -28.53
C LEU C 10 -13.95 19.50 -29.58
N VAL C 11 -14.47 18.33 -29.20
CA VAL C 11 -15.25 17.51 -30.12
C VAL C 11 -16.40 16.86 -29.38
N THR C 12 -17.46 16.55 -30.12
CA THR C 12 -18.66 15.91 -29.64
C THR C 12 -18.44 14.40 -29.53
N PRO C 13 -19.00 13.74 -28.53
CA PRO C 13 -18.81 12.29 -28.40
C PRO C 13 -19.21 11.54 -29.66
N GLY C 14 -18.32 10.67 -30.13
CA GLY C 14 -18.50 9.86 -31.30
C GLY C 14 -17.73 10.34 -32.52
N THR C 15 -17.51 11.63 -32.65
CA THR C 15 -16.78 12.16 -33.80
C THR C 15 -15.32 11.77 -33.73
N PRO C 16 -14.76 11.15 -34.78
CA PRO C 16 -13.35 10.76 -34.75
C PRO C 16 -12.44 11.99 -34.64
N LEU C 17 -11.18 11.74 -34.29
CA LEU C 17 -10.25 12.85 -34.12
C LEU C 17 -8.82 12.35 -34.30
N THR C 18 -7.99 13.12 -35.00
CA THR C 18 -6.63 12.72 -35.29
C THR C 18 -5.64 13.72 -34.74
N LEU C 19 -4.75 13.26 -33.86
CA LEU C 19 -3.70 14.07 -33.26
C LEU C 19 -2.40 13.79 -34.01
N THR C 20 -1.56 14.82 -34.16
CA THR C 20 -0.33 14.71 -34.92
C THR C 20 0.87 15.14 -34.09
N CYS C 21 1.93 14.35 -34.11
CA CYS C 21 3.15 14.62 -33.35
C CYS C 21 4.29 14.74 -34.34
N THR C 22 4.87 15.94 -34.43
CA THR C 22 5.92 16.22 -35.40
C THR C 22 7.27 16.22 -34.68
N VAL C 23 8.15 15.32 -35.10
CA VAL C 23 9.49 15.21 -34.52
C VAL C 23 10.38 16.26 -35.18
N SER C 24 11.55 16.50 -34.59
CA SER C 24 12.51 17.46 -35.12
C SER C 24 13.88 17.13 -34.57
N GLY C 25 14.85 16.95 -35.45
CA GLY C 25 16.21 16.63 -35.06
C GLY C 25 16.56 15.16 -35.04
N PHE C 26 15.73 14.30 -35.63
CA PHE C 26 15.99 12.87 -35.70
C PHE C 26 14.93 12.23 -36.59
N SER C 27 15.27 11.09 -37.15
CA SER C 27 14.37 10.36 -38.04
C SER C 27 13.50 9.38 -37.28
N LEU C 28 12.27 9.22 -37.76
CA LEU C 28 11.33 8.31 -37.13
C LEU C 28 11.64 6.84 -37.43
N SER C 29 12.57 6.56 -38.33
CA SER C 29 12.95 5.20 -38.65
C SER C 29 14.05 4.66 -37.76
N ASP C 30 14.58 5.48 -36.86
CA ASP C 30 15.66 5.06 -35.97
C ASP C 30 15.27 5.10 -34.49
N TYR C 31 14.00 5.31 -34.17
CA TYR C 31 13.54 5.38 -32.80
C TYR C 31 12.05 5.10 -32.76
N ALA C 32 11.59 4.52 -31.65
CA ALA C 32 10.18 4.25 -31.48
C ALA C 32 9.48 5.47 -30.90
N MET C 33 8.14 5.49 -30.98
CA MET C 33 7.39 6.60 -30.42
C MET C 33 6.23 6.10 -29.60
N ASN C 34 6.08 6.63 -28.40
CA ASN C 34 4.99 6.29 -27.50
C ASN C 34 3.95 7.40 -27.52
N TRP C 35 2.71 7.02 -27.25
CA TRP C 35 1.58 7.92 -27.07
C TRP C 35 1.06 7.66 -25.66
N VAL C 36 1.09 8.71 -24.82
CA VAL C 36 0.67 8.64 -23.43
C VAL C 36 -0.34 9.75 -23.14
N ARG C 37 -1.40 9.42 -22.42
CA ARG C 37 -2.41 10.42 -22.12
C ARG C 37 -2.53 10.59 -20.60
N GLN C 38 -3.04 11.75 -20.20
CA GLN C 38 -3.17 12.08 -18.79
C GLN C 38 -4.43 12.92 -18.59
N ALA C 39 -5.39 12.37 -17.86
CA ALA C 39 -6.62 13.09 -17.58
C ALA C 39 -6.32 14.26 -16.65
N PRO C 40 -7.20 15.26 -16.61
CA PRO C 40 -6.95 16.42 -15.73
C PRO C 40 -6.84 16.00 -14.26
N GLY C 41 -5.68 16.27 -13.69
CA GLY C 41 -5.42 15.94 -12.29
C GLY C 41 -5.31 14.46 -11.99
N LYS C 42 -4.93 13.65 -12.97
CA LYS C 42 -4.76 12.21 -12.78
C LYS C 42 -3.33 11.81 -13.14
N GLY C 43 -3.08 10.51 -13.17
CA GLY C 43 -1.78 9.99 -13.53
C GLY C 43 -1.65 9.81 -15.02
N LEU C 44 -0.53 9.23 -15.43
CA LEU C 44 -0.28 9.01 -16.85
C LEU C 44 -0.79 7.63 -17.25
N GLU C 45 -1.58 7.58 -18.32
CA GLU C 45 -2.04 6.34 -18.91
C GLU C 45 -1.26 6.11 -20.19
N TRP C 46 -0.60 4.96 -20.30
CA TRP C 46 0.13 4.61 -21.51
C TRP C 46 -0.86 4.12 -22.56
N ILE C 47 -0.86 4.75 -23.72
CA ILE C 47 -1.80 4.42 -24.79
C ILE C 47 -1.20 3.40 -25.74
N GLY C 48 -0.07 3.74 -26.36
CA GLY C 48 0.49 2.78 -27.30
C GLY C 48 1.88 3.15 -27.75
N ILE C 49 2.44 2.29 -28.60
CA ILE C 49 3.80 2.49 -29.09
C ILE C 49 3.91 1.99 -30.52
N ILE C 50 4.67 2.72 -31.33
CA ILE C 50 4.97 2.35 -32.70
C ILE C 50 6.49 2.23 -32.83
N TYR C 51 6.98 1.05 -33.15
CA TYR C 51 8.42 0.84 -33.25
C TYR C 51 8.97 1.43 -34.54
N ALA C 52 10.30 1.28 -34.72
CA ALA C 52 10.95 1.79 -35.92
C ALA C 52 10.57 0.99 -37.15
N SER C 53 10.49 -0.34 -37.02
CA SER C 53 10.13 -1.18 -38.15
C SER C 53 8.71 -0.91 -38.63
N GLY C 54 7.85 -0.46 -37.73
CA GLY C 54 6.46 -0.17 -38.04
C GLY C 54 5.48 -0.96 -37.23
N SER C 55 5.91 -1.92 -36.41
CA SER C 55 4.98 -2.67 -35.59
C SER C 55 4.37 -1.75 -34.54
N ARG C 56 3.07 -1.89 -34.33
CA ARG C 56 2.31 -1.07 -33.39
C ARG C 56 1.70 -1.96 -32.31
N TYR C 57 1.92 -1.60 -31.05
CA TYR C 57 1.35 -2.32 -29.92
C TYR C 57 0.58 -1.36 -29.03
N TYR C 58 -0.62 -1.77 -28.63
CA TYR C 58 -1.54 -0.95 -27.86
C TYR C 58 -1.77 -1.55 -26.48
N ALA C 59 -2.12 -0.68 -25.54
CA ALA C 59 -2.40 -1.13 -24.18
C ALA C 59 -3.66 -1.98 -24.15
N SER C 60 -3.73 -2.88 -23.18
CA SER C 60 -4.87 -3.79 -23.06
C SER C 60 -6.20 -3.05 -23.01
N TRP C 61 -6.32 -2.05 -22.13
CA TRP C 61 -7.58 -1.33 -22.02
C TRP C 61 -7.91 -0.51 -23.26
N ALA C 62 -6.94 -0.22 -24.12
CA ALA C 62 -7.16 0.66 -25.26
C ALA C 62 -7.21 -0.09 -26.59
N LYS C 63 -7.35 -1.41 -26.58
CA LYS C 63 -7.39 -2.16 -27.83
C LYS C 63 -8.65 -1.81 -28.61
N GLY C 64 -8.46 -1.31 -29.83
CA GLY C 64 -9.56 -0.95 -30.71
C GLY C 64 -10.00 0.50 -30.63
N ARG C 65 -9.93 1.10 -29.43
CA ARG C 65 -10.37 2.48 -29.26
C ARG C 65 -9.45 3.50 -29.94
N PHE C 66 -8.21 3.12 -30.26
CA PHE C 66 -7.27 4.04 -30.86
C PHE C 66 -6.62 3.41 -32.07
N THR C 67 -5.83 4.22 -32.78
CA THR C 67 -5.10 3.74 -33.96
C THR C 67 -3.88 4.63 -34.14
N ILE C 68 -2.70 4.01 -34.19
CA ILE C 68 -1.45 4.74 -34.37
C ILE C 68 -0.89 4.45 -35.75
N SER C 69 -0.37 5.48 -36.39
CA SER C 69 0.28 5.33 -37.69
C SER C 69 1.37 6.37 -37.80
N LYS C 70 2.14 6.30 -38.88
CA LYS C 70 3.24 7.25 -39.01
C LYS C 70 3.64 7.42 -40.46
N THR C 71 4.19 8.60 -40.75
CA THR C 71 4.75 8.99 -42.02
C THR C 71 6.26 9.10 -41.78
N SER C 72 6.98 9.69 -42.75
CA SER C 72 8.41 9.81 -42.56
C SER C 72 8.80 10.85 -41.53
N THR C 73 7.92 11.79 -41.18
CA THR C 73 8.26 12.82 -40.21
C THR C 73 7.28 13.00 -39.04
N THR C 74 6.04 12.54 -39.14
CA THR C 74 5.05 12.71 -38.08
C THR C 74 4.43 11.38 -37.69
N VAL C 75 3.94 11.31 -36.46
CA VAL C 75 3.17 10.17 -35.96
C VAL C 75 1.75 10.63 -35.71
N ASP C 76 0.78 9.85 -36.15
CA ASP C 76 -0.63 10.18 -36.02
C ASP C 76 -1.33 9.22 -35.06
N LEU C 77 -2.22 9.76 -34.24
CA LEU C 77 -3.04 8.97 -33.32
C LEU C 77 -4.50 9.33 -33.58
N LYS C 78 -5.25 8.38 -34.12
CA LYS C 78 -6.67 8.57 -34.39
C LYS C 78 -7.53 7.91 -33.33
N ILE C 79 -8.52 8.66 -32.85
CA ILE C 79 -9.52 8.20 -31.90
C ILE C 79 -10.79 7.97 -32.72
N THR C 80 -11.22 6.70 -32.78
CA THR C 80 -12.38 6.32 -33.59
C THR C 80 -13.72 6.76 -32.97
N SER C 81 -13.90 6.61 -31.66
CA SER C 81 -15.16 6.96 -31.00
C SER C 81 -14.88 7.55 -29.63
N PRO C 82 -14.52 8.83 -29.56
CA PRO C 82 -14.23 9.45 -28.27
C PRO C 82 -15.45 9.49 -27.36
N THR C 83 -15.22 9.29 -26.07
CA THR C 83 -16.24 9.32 -25.04
C THR C 83 -15.94 10.48 -24.09
N THR C 84 -16.84 10.70 -23.13
CA THR C 84 -16.61 11.78 -22.17
C THR C 84 -15.36 11.50 -21.33
N GLU C 85 -15.08 10.22 -21.09
CA GLU C 85 -13.91 9.71 -20.36
C GLU C 85 -12.62 9.79 -21.19
N ASP C 86 -12.66 10.42 -22.36
CA ASP C 86 -11.50 10.54 -23.23
C ASP C 86 -10.89 11.94 -23.24
N THR C 87 -11.32 12.83 -22.34
CA THR C 87 -10.75 14.17 -22.28
C THR C 87 -9.45 14.10 -21.49
N ALA C 88 -8.34 14.50 -22.12
CA ALA C 88 -7.04 14.42 -21.47
C ALA C 88 -5.99 15.12 -22.32
N THR C 89 -4.83 15.37 -21.69
CA THR C 89 -3.69 15.90 -22.41
C THR C 89 -2.90 14.72 -22.97
N TYR C 90 -2.52 14.78 -24.25
CA TYR C 90 -1.83 13.70 -24.93
C TYR C 90 -0.40 14.12 -25.27
N PHE C 91 0.57 13.32 -24.80
CA PHE C 91 1.99 13.51 -25.05
C PHE C 91 2.49 12.43 -26.00
N CYS C 92 3.45 12.80 -26.84
CA CYS C 92 4.21 11.87 -27.66
C CYS C 92 5.63 11.84 -27.12
N ALA C 93 6.27 10.67 -27.14
CA ALA C 93 7.56 10.54 -26.49
C ALA C 93 8.48 9.56 -27.20
N ARG C 94 9.74 9.97 -27.41
CA ARG C 94 10.68 9.09 -28.09
C ARG C 94 11.12 7.98 -27.14
N TYR C 95 11.05 6.74 -27.60
CA TYR C 95 11.37 5.59 -26.76
C TYR C 95 12.77 5.07 -27.06
N TYR C 96 13.70 5.27 -26.13
CA TYR C 96 15.07 4.78 -26.22
C TYR C 96 15.38 3.87 -25.04
N ALA C 97 15.15 4.38 -23.84
CA ALA C 97 15.28 3.68 -22.56
C ALA C 97 14.24 4.43 -21.75
N GLY C 98 13.04 3.89 -21.67
CA GLY C 98 12.00 4.66 -21.05
C GLY C 98 11.66 5.68 -22.12
N SER C 99 11.07 6.80 -21.72
CA SER C 99 10.77 7.85 -22.69
C SER C 99 11.54 9.09 -22.27
N ASP C 100 12.62 9.40 -22.99
CA ASP C 100 13.45 10.55 -22.65
C ASP C 100 12.88 11.86 -23.19
N ILE C 101 12.74 11.99 -24.50
CA ILE C 101 12.23 13.22 -25.09
C ILE C 101 10.71 13.18 -25.10
N TRP C 102 10.09 14.20 -24.51
CA TRP C 102 8.65 14.33 -24.41
C TRP C 102 8.19 15.59 -25.12
N GLY C 103 6.90 15.63 -25.47
CA GLY C 103 6.33 16.79 -26.13
C GLY C 103 5.54 17.67 -25.17
N PRO C 104 5.21 18.88 -25.62
CA PRO C 104 4.42 19.77 -24.75
C PRO C 104 3.04 19.23 -24.42
N GLY C 105 2.47 18.42 -25.29
CA GLY C 105 1.17 17.82 -25.07
C GLY C 105 0.05 18.68 -25.62
N THR C 106 -1.00 18.00 -26.10
CA THR C 106 -2.17 18.67 -26.65
C THR C 106 -3.40 18.20 -25.90
N LEU C 107 -4.33 19.11 -25.64
CA LEU C 107 -5.50 18.80 -24.83
C LEU C 107 -6.70 18.47 -25.71
N VAL C 108 -7.32 17.32 -25.45
CA VAL C 108 -8.47 16.84 -26.21
C VAL C 108 -9.65 16.81 -25.25
N THR C 109 -10.67 17.61 -25.55
CA THR C 109 -11.88 17.71 -24.75
C THR C 109 -13.06 17.12 -25.52
N VAL C 110 -13.82 16.24 -24.86
CA VAL C 110 -14.98 15.59 -25.44
C VAL C 110 -16.18 15.96 -24.58
N SER C 111 -17.05 16.82 -25.10
CA SER C 111 -18.24 17.22 -24.37
C SER C 111 -19.30 17.68 -25.35
N SER C 112 -20.52 17.84 -24.86
CA SER C 112 -21.65 18.29 -25.66
C SER C 112 -21.78 19.80 -25.70
N ALA C 113 -21.19 20.51 -24.75
CA ALA C 113 -21.28 21.96 -24.70
C ALA C 113 -20.45 22.60 -25.82
N SER C 114 -20.77 23.85 -26.11
CA SER C 114 -20.11 24.62 -27.15
C SER C 114 -19.04 25.55 -26.57
N THR C 115 -18.19 26.06 -27.45
CA THR C 115 -17.13 26.96 -27.05
C THR C 115 -17.71 28.31 -26.63
N LYS C 116 -17.02 28.96 -25.69
CA LYS C 116 -17.46 30.26 -25.19
C LYS C 116 -16.23 31.07 -24.81
N GLY C 117 -16.17 32.32 -25.28
CA GLY C 117 -15.06 33.20 -25.02
C GLY C 117 -14.95 33.62 -23.56
N PRO C 118 -13.74 34.03 -23.16
CA PRO C 118 -13.51 34.42 -21.77
C PRO C 118 -13.83 35.88 -21.49
N SER C 119 -14.23 36.15 -20.26
CA SER C 119 -14.51 37.50 -19.81
C SER C 119 -13.45 37.89 -18.78
N VAL C 120 -12.85 39.07 -18.97
CA VAL C 120 -11.74 39.51 -18.15
C VAL C 120 -12.16 40.73 -17.33
N PHE C 121 -11.95 40.65 -16.01
CA PHE C 121 -12.30 41.76 -15.14
C PHE C 121 -11.14 42.11 -14.23
N PRO C 122 -10.82 43.38 -14.06
CA PRO C 122 -9.67 43.73 -13.22
C PRO C 122 -9.95 43.67 -11.72
N LEU C 123 -8.97 43.16 -10.98
CA LEU C 123 -8.95 43.14 -9.53
C LEU C 123 -8.04 44.33 -9.21
N ALA C 124 -8.67 45.47 -8.98
CA ALA C 124 -7.95 46.71 -8.71
C ALA C 124 -7.06 46.59 -7.49
N PRO C 125 -5.87 47.18 -7.51
CA PRO C 125 -4.96 47.11 -6.37
C PRO C 125 -5.54 47.77 -5.12
N SER C 126 -5.35 47.11 -3.99
CA SER C 126 -5.85 47.62 -2.72
C SER C 126 -5.09 48.89 -2.32
N SER C 127 -5.61 49.58 -1.31
CA SER C 127 -4.99 50.80 -0.82
C SER C 127 -5.21 50.96 0.68
N GLY C 133 4.17 47.23 2.38
CA GLY C 133 4.71 48.04 1.30
C GLY C 133 4.64 47.37 -0.05
N THR C 134 3.70 46.44 -0.20
CA THR C 134 3.52 45.72 -1.46
C THR C 134 2.04 45.53 -1.71
N ALA C 135 1.58 46.02 -2.87
CA ALA C 135 0.18 45.95 -3.26
C ALA C 135 -0.03 44.82 -4.26
N ALA C 136 -1.23 44.24 -4.24
CA ALA C 136 -1.58 43.16 -5.15
C ALA C 136 -2.69 43.62 -6.10
N LEU C 137 -2.66 43.08 -7.30
CA LEU C 137 -3.67 43.40 -8.32
C LEU C 137 -3.63 42.30 -9.36
N GLY C 138 -4.75 42.13 -10.06
CA GLY C 138 -4.78 41.03 -11.02
C GLY C 138 -5.92 41.10 -12.01
N CYS C 139 -6.12 39.99 -12.72
CA CYS C 139 -7.16 39.90 -13.72
C CYS C 139 -7.92 38.61 -13.47
N LEU C 140 -9.25 38.70 -13.49
CA LEU C 140 -10.16 37.59 -13.31
C LEU C 140 -10.66 37.11 -14.66
N VAL C 141 -10.22 35.92 -15.07
CA VAL C 141 -10.64 35.29 -16.31
C VAL C 141 -11.79 34.35 -15.96
N LYS C 142 -13.01 34.74 -16.31
CA LYS C 142 -14.21 34.06 -15.88
C LYS C 142 -15.11 33.69 -17.06
N ASP C 143 -15.77 32.53 -16.92
CA ASP C 143 -16.79 32.03 -17.84
C ASP C 143 -16.25 31.77 -19.24
N TYR C 144 -15.23 30.92 -19.31
CA TYR C 144 -14.71 30.54 -20.61
C TYR C 144 -14.76 29.03 -20.76
N PHE C 145 -14.64 28.56 -22.00
CA PHE C 145 -14.65 27.13 -22.28
C PHE C 145 -14.26 26.87 -23.72
N PRO C 146 -13.47 25.82 -23.99
CA PRO C 146 -12.89 24.90 -23.02
C PRO C 146 -11.47 25.33 -22.66
N GLU C 147 -10.75 24.50 -21.92
CA GLU C 147 -9.38 24.79 -21.56
C GLU C 147 -8.50 24.82 -22.81
N PRO C 148 -7.35 25.50 -22.78
CA PRO C 148 -6.78 26.30 -21.71
C PRO C 148 -6.70 27.79 -22.07
N VAL C 149 -6.35 28.63 -21.10
CA VAL C 149 -6.16 30.06 -21.32
C VAL C 149 -4.81 30.43 -20.75
N THR C 150 -4.06 31.23 -21.50
CA THR C 150 -2.75 31.68 -21.04
C THR C 150 -2.86 33.14 -20.63
N VAL C 151 -2.17 33.48 -19.53
CA VAL C 151 -2.17 34.83 -18.99
C VAL C 151 -0.72 35.27 -18.84
N SER C 152 -0.40 36.42 -19.42
CA SER C 152 0.93 36.99 -19.29
C SER C 152 0.83 38.45 -18.87
N TRP C 153 1.87 38.95 -18.20
CA TRP C 153 1.88 40.32 -17.72
C TRP C 153 2.91 41.14 -18.49
N ASN C 154 2.47 42.30 -19.00
CA ASN C 154 3.28 43.20 -19.81
C ASN C 154 4.01 42.44 -20.91
N SER C 155 3.22 41.72 -21.71
CA SER C 155 3.71 40.97 -22.87
C SER C 155 4.75 39.93 -22.47
N GLY C 156 4.79 39.57 -21.20
CA GLY C 156 5.75 38.61 -20.68
C GLY C 156 6.95 39.24 -19.98
N ALA C 157 6.98 40.56 -19.83
CA ALA C 157 8.08 41.24 -19.17
C ALA C 157 8.00 41.21 -17.65
N LEU C 158 6.85 40.83 -17.09
CA LEU C 158 6.66 40.77 -15.64
C LEU C 158 6.38 39.33 -15.23
N THR C 159 7.33 38.69 -14.57
CA THR C 159 7.19 37.32 -14.14
C THR C 159 7.32 37.15 -12.63
N SER C 160 8.21 37.91 -11.99
CA SER C 160 8.40 37.79 -10.55
C SER C 160 7.14 38.19 -9.79
N GLY C 161 6.63 37.28 -8.97
CA GLY C 161 5.44 37.51 -8.18
C GLY C 161 4.13 37.18 -8.87
N VAL C 162 4.17 36.66 -10.09
CA VAL C 162 2.96 36.31 -10.83
C VAL C 162 2.45 34.95 -10.37
N HIS C 163 1.22 34.91 -9.86
CA HIS C 163 0.57 33.67 -9.46
C HIS C 163 -0.67 33.47 -10.32
N THR C 164 -0.64 32.43 -11.14
CA THR C 164 -1.77 32.05 -11.99
C THR C 164 -2.41 30.83 -11.34
N PHE C 165 -3.63 30.99 -10.88
CA PHE C 165 -4.30 29.89 -10.20
C PHE C 165 -4.91 28.92 -11.22
N PRO C 166 -4.89 27.62 -10.91
CA PRO C 166 -5.50 26.65 -11.82
C PRO C 166 -7.00 26.90 -11.92
N ALA C 167 -7.56 26.67 -13.10
CA ALA C 167 -8.99 26.90 -13.27
C ALA C 167 -9.79 25.86 -12.49
N VAL C 168 -11.07 26.16 -12.28
CA VAL C 168 -11.96 25.27 -11.56
C VAL C 168 -13.31 25.25 -12.25
N LEU C 169 -13.95 24.10 -12.25
CA LEU C 169 -15.26 23.94 -12.88
C LEU C 169 -16.32 24.67 -12.05
N GLN C 170 -17.22 25.37 -12.73
CA GLN C 170 -18.29 26.09 -12.07
C GLN C 170 -19.61 25.36 -12.22
N SER C 171 -20.63 25.89 -11.55
CA SER C 171 -21.96 25.29 -11.62
C SER C 171 -22.49 25.33 -13.05
N SER C 172 -22.36 26.47 -13.72
CA SER C 172 -22.80 26.60 -15.10
C SER C 172 -22.08 25.65 -16.04
N GLY C 173 -20.92 25.14 -15.63
CA GLY C 173 -20.14 24.24 -16.46
C GLY C 173 -18.99 24.89 -17.20
N LEU C 174 -18.73 26.17 -16.97
CA LEU C 174 -17.65 26.89 -17.63
C LEU C 174 -16.50 27.09 -16.65
N TYR C 175 -15.29 27.17 -17.20
CA TYR C 175 -14.11 27.34 -16.36
C TYR C 175 -13.89 28.81 -16.03
N SER C 176 -13.15 29.04 -14.93
CA SER C 176 -12.82 30.38 -14.46
C SER C 176 -11.53 30.35 -13.65
N LEU C 177 -10.71 31.39 -13.79
CA LEU C 177 -9.46 31.47 -13.03
C LEU C 177 -9.04 32.93 -12.94
N SER C 178 -8.16 33.20 -11.96
CA SER C 178 -7.60 34.53 -11.75
C SER C 178 -6.08 34.49 -11.76
N SER C 179 -5.48 35.53 -12.32
CA SER C 179 -4.02 35.70 -12.36
C SER C 179 -3.68 36.97 -11.60
N VAL C 180 -3.02 36.82 -10.46
CA VAL C 180 -2.70 37.93 -9.57
C VAL C 180 -1.19 38.13 -9.57
N VAL C 181 -0.75 39.29 -9.09
CA VAL C 181 0.67 39.63 -9.03
C VAL C 181 0.86 40.69 -7.97
N THR C 182 1.96 40.57 -7.21
CA THR C 182 2.32 41.52 -6.17
C THR C 182 3.46 42.41 -6.67
N VAL C 183 3.34 43.70 -6.43
CA VAL C 183 4.33 44.68 -6.90
C VAL C 183 4.55 45.72 -5.83
N PRO C 184 5.67 46.45 -5.91
CA PRO C 184 5.91 47.54 -4.96
C PRO C 184 4.80 48.56 -5.04
N SER C 185 4.38 49.05 -3.86
CA SER C 185 3.27 50.00 -3.82
C SER C 185 3.63 51.33 -4.49
N SER C 186 4.88 51.76 -4.40
CA SER C 186 5.24 53.03 -5.03
C SER C 186 5.20 52.97 -6.55
N SER C 187 5.16 51.77 -7.13
CA SER C 187 5.11 51.62 -8.58
C SER C 187 3.71 51.75 -9.16
N LEU C 188 2.66 51.73 -8.33
CA LEU C 188 1.29 51.84 -8.83
C LEU C 188 1.06 53.15 -9.56
N GLY C 189 1.69 54.23 -9.09
CA GLY C 189 1.55 55.54 -9.71
C GLY C 189 2.29 55.73 -11.01
N THR C 190 3.24 54.87 -11.33
CA THR C 190 4.19 55.10 -12.40
C THR C 190 4.27 53.97 -13.41
N GLN C 191 3.98 52.74 -13.00
CA GLN C 191 4.11 51.57 -13.87
C GLN C 191 2.74 51.07 -14.32
N THR C 192 2.60 50.84 -15.62
CA THR C 192 1.34 50.39 -16.20
C THR C 192 1.31 48.87 -16.23
N TYR C 193 0.27 48.28 -15.65
CA TYR C 193 0.12 46.83 -15.61
C TYR C 193 -1.04 46.42 -16.50
N ILE C 194 -0.75 45.65 -17.53
CA ILE C 194 -1.76 45.14 -18.47
C ILE C 194 -1.64 43.64 -18.52
N CYS C 195 -2.77 42.94 -18.37
CA CYS C 195 -2.81 41.49 -18.46
C CYS C 195 -3.20 41.07 -19.86
N ASN C 196 -2.53 40.05 -20.38
CA ASN C 196 -2.73 39.54 -21.74
C ASN C 196 -3.27 38.11 -21.65
N VAL C 197 -4.58 37.95 -21.83
CA VAL C 197 -5.24 36.66 -21.81
C VAL C 197 -5.44 36.18 -23.25
N ASN C 198 -5.09 34.93 -23.50
CA ASN C 198 -5.25 34.32 -24.82
C ASN C 198 -5.94 32.98 -24.69
N HIS C 199 -7.04 32.82 -25.43
CA HIS C 199 -7.87 31.62 -25.44
C HIS C 199 -7.97 31.13 -26.89
N LYS C 200 -7.01 30.28 -27.27
CA LYS C 200 -6.93 29.71 -28.61
C LYS C 200 -8.21 29.02 -29.10
N PRO C 201 -8.87 28.15 -28.32
CA PRO C 201 -10.07 27.48 -28.85
C PRO C 201 -11.13 28.43 -29.38
N SER C 202 -11.20 29.67 -28.87
CA SER C 202 -12.12 30.66 -29.38
C SER C 202 -11.39 31.76 -30.13
N ASN C 203 -10.08 31.62 -30.33
CA ASN C 203 -9.27 32.62 -31.03
C ASN C 203 -9.46 34.00 -30.42
N THR C 204 -9.50 34.07 -29.09
CA THR C 204 -9.72 35.32 -28.38
C THR C 204 -8.45 35.84 -27.72
N LYS C 205 -7.97 36.99 -28.20
CA LYS C 205 -6.84 37.69 -27.62
C LYS C 205 -7.38 38.93 -26.93
N VAL C 206 -7.10 39.11 -25.64
CA VAL C 206 -7.59 40.27 -24.91
C VAL C 206 -6.48 40.86 -24.03
N ASP C 207 -6.19 42.14 -24.19
CA ASP C 207 -5.22 42.82 -23.37
C ASP C 207 -5.97 43.85 -22.54
N LYS C 208 -6.17 43.55 -21.26
CA LYS C 208 -6.93 44.37 -20.33
C LYS C 208 -5.98 45.05 -19.35
N LYS C 209 -6.02 46.38 -19.31
CA LYS C 209 -5.22 47.10 -18.35
C LYS C 209 -5.90 47.08 -16.98
N VAL C 210 -5.11 47.05 -15.93
CA VAL C 210 -5.63 47.06 -14.56
C VAL C 210 -5.14 48.33 -13.90
N GLU C 211 -5.96 49.37 -13.98
CA GLU C 211 -5.67 50.67 -13.40
C GLU C 211 -6.09 50.72 -11.94
N PRO C 212 -5.34 51.44 -11.12
CA PRO C 212 -5.70 51.57 -9.70
C PRO C 212 -6.96 52.42 -9.52
N LYS C 213 -7.56 52.28 -8.35
CA LYS C 213 -8.77 53.02 -8.02
C LYS C 213 -8.41 54.23 -7.16
N SER C 214 -9.01 55.37 -7.48
CA SER C 214 -8.78 56.62 -6.76
C SER C 214 -9.04 56.47 -5.26
N ALA D 1 -1.46 -10.52 -20.27
CA ALA D 1 -1.98 -9.63 -19.25
C ALA D 1 -1.02 -8.48 -18.99
N ASP D 2 -1.53 -7.26 -19.12
CA ASP D 2 -0.69 -6.08 -18.92
C ASP D 2 -0.15 -6.04 -17.49
N VAL D 3 1.13 -5.70 -17.37
CA VAL D 3 1.76 -5.60 -16.06
C VAL D 3 1.24 -4.33 -15.37
N VAL D 4 0.79 -4.46 -14.13
CA VAL D 4 0.27 -3.35 -13.36
C VAL D 4 1.30 -2.98 -12.30
N MET D 5 1.59 -1.69 -12.19
CA MET D 5 2.55 -1.16 -11.25
C MET D 5 1.86 -0.57 -10.02
N THR D 6 2.30 -0.98 -8.84
CA THR D 6 1.71 -0.56 -7.58
C THR D 6 2.72 0.35 -6.89
N GLN D 7 2.53 1.66 -7.07
CA GLN D 7 3.42 2.67 -6.50
C GLN D 7 2.91 3.11 -5.14
N THR D 8 3.77 3.02 -4.13
CA THR D 8 3.45 3.42 -2.76
C THR D 8 4.63 4.14 -2.16
N PRO D 9 4.39 5.13 -1.28
CA PRO D 9 3.12 5.63 -0.76
C PRO D 9 2.50 6.68 -1.68
N SER D 10 1.26 7.08 -1.45
CA SER D 10 0.65 8.09 -2.31
C SER D 10 1.29 9.46 -2.09
N SER D 11 1.55 9.82 -0.83
CA SER D 11 2.19 11.08 -0.47
C SER D 11 3.38 10.80 0.42
N VAL D 12 4.38 11.68 0.35
CA VAL D 12 5.55 11.57 1.21
C VAL D 12 6.11 12.98 1.43
N SER D 13 6.52 13.24 2.66
CA SER D 13 7.03 14.55 3.05
C SER D 13 8.39 14.42 3.71
N ALA D 14 9.16 15.50 3.64
CA ALA D 14 10.45 15.58 4.30
C ALA D 14 10.85 17.04 4.41
N ALA D 15 11.76 17.31 5.34
CA ALA D 15 12.26 18.67 5.51
C ALA D 15 13.38 18.97 4.52
N VAL D 16 13.66 20.26 4.37
CA VAL D 16 14.72 20.68 3.46
C VAL D 16 16.03 20.08 3.92
N GLY D 17 16.61 19.22 3.08
CA GLY D 17 17.86 18.56 3.41
C GLY D 17 17.70 17.09 3.76
N GLY D 18 16.48 16.62 3.98
CA GLY D 18 16.24 15.24 4.34
C GLY D 18 16.42 14.23 3.23
N THR D 19 15.65 13.14 3.28
CA THR D 19 15.74 12.08 2.29
C THR D 19 14.39 11.35 2.21
N VAL D 20 13.90 11.14 1.00
CA VAL D 20 12.66 10.40 0.81
C VAL D 20 12.91 9.15 -0.04
N THR D 21 12.05 8.15 0.16
CA THR D 21 12.07 6.92 -0.60
C THR D 21 10.67 6.57 -1.10
N ILE D 22 10.60 6.01 -2.30
CA ILE D 22 9.35 5.62 -2.94
C ILE D 22 9.53 4.20 -3.47
N ASN D 23 8.55 3.32 -3.23
CA ASN D 23 8.62 1.94 -3.66
C ASN D 23 7.60 1.63 -4.76
N CYS D 24 8.05 0.93 -5.79
CA CYS D 24 7.19 0.45 -6.86
C CYS D 24 7.25 -1.06 -6.92
N GLN D 25 6.08 -1.70 -6.95
CA GLN D 25 5.98 -3.16 -6.96
C GLN D 25 5.31 -3.59 -8.25
N ALA D 26 6.02 -4.41 -9.03
CA ALA D 26 5.54 -4.88 -10.32
C ALA D 26 4.73 -6.17 -10.15
N SER D 27 3.69 -6.31 -10.96
CA SER D 27 2.84 -7.49 -10.91
C SER D 27 3.59 -8.78 -11.22
N GLN D 28 4.70 -8.71 -11.95
CA GLN D 28 5.48 -9.89 -12.26
C GLN D 28 6.94 -9.48 -12.44
N SER D 29 7.80 -10.46 -12.65
CA SER D 29 9.23 -10.19 -12.80
C SER D 29 9.46 -9.32 -14.03
N ILE D 30 10.02 -8.13 -13.81
CA ILE D 30 10.37 -7.23 -14.89
C ILE D 30 11.89 -7.00 -14.95
N SER D 31 12.66 -7.76 -14.17
CA SER D 31 14.12 -7.65 -14.11
C SER D 31 14.48 -6.21 -13.77
N ALA D 32 15.45 -5.59 -14.45
CA ALA D 32 15.79 -4.20 -14.15
C ALA D 32 15.36 -3.29 -15.28
N TYR D 33 14.07 -3.27 -15.60
CA TYR D 33 13.55 -2.43 -16.67
C TYR D 33 12.47 -1.48 -16.19
N LEU D 34 12.80 -0.63 -15.22
CA LEU D 34 11.86 0.33 -14.64
C LEU D 34 12.47 1.71 -14.73
N ALA D 35 11.68 2.65 -15.25
CA ALA D 35 12.10 4.04 -15.38
C ALA D 35 11.31 4.90 -14.41
N TRP D 36 11.92 5.98 -13.95
CA TRP D 36 11.29 6.92 -13.04
C TRP D 36 11.17 8.29 -13.69
N TYR D 37 10.05 8.95 -13.45
CA TYR D 37 9.76 10.23 -14.10
C TYR D 37 9.35 11.22 -13.04
N GLN D 38 9.66 12.49 -13.29
CA GLN D 38 9.30 13.59 -12.41
C GLN D 38 8.46 14.57 -13.22
N GLN D 39 7.18 14.70 -12.85
CA GLN D 39 6.27 15.61 -13.52
C GLN D 39 5.90 16.75 -12.59
N LYS D 40 6.19 17.96 -13.00
CA LYS D 40 5.80 19.16 -12.29
C LYS D 40 4.44 19.60 -12.81
N PRO D 41 3.70 20.39 -12.05
CA PRO D 41 2.36 20.77 -12.53
C PRO D 41 2.44 21.56 -13.83
N GLY D 42 1.63 21.13 -14.80
CA GLY D 42 1.57 21.76 -16.12
C GLY D 42 2.61 21.32 -17.13
N GLN D 43 3.87 21.23 -16.71
CA GLN D 43 4.95 20.83 -17.59
C GLN D 43 4.89 19.33 -17.88
N PRO D 44 5.61 18.87 -18.91
CA PRO D 44 5.60 17.44 -19.23
C PRO D 44 6.58 16.69 -18.35
N PRO D 45 6.37 15.40 -18.12
CA PRO D 45 7.29 14.63 -17.28
C PRO D 45 8.73 14.66 -17.79
N LYS D 46 9.65 14.33 -16.89
CA LYS D 46 11.07 14.30 -17.22
C LYS D 46 11.70 13.01 -16.71
N LEU D 47 12.39 12.30 -17.60
CA LEU D 47 13.00 11.02 -17.25
C LEU D 47 14.16 11.24 -16.28
N LEU D 48 14.13 10.53 -15.15
CA LEU D 48 15.15 10.65 -14.12
C LEU D 48 16.12 9.48 -14.09
N ILE D 49 15.60 8.25 -14.11
CA ILE D 49 16.41 7.05 -14.01
C ILE D 49 15.85 5.97 -14.93
N TYR D 50 16.74 5.30 -15.66
CA TYR D 50 16.35 4.23 -16.56
C TYR D 50 17.10 2.96 -16.17
N ASP D 51 16.56 1.82 -16.61
CA ASP D 51 17.09 0.50 -16.29
C ASP D 51 17.16 0.27 -14.78
N ALA D 52 16.30 0.99 -14.04
CA ALA D 52 16.13 0.91 -12.60
C ALA D 52 17.30 1.49 -11.80
N SER D 53 18.45 1.70 -12.43
CA SER D 53 19.58 2.26 -11.68
C SER D 53 20.41 3.30 -12.43
N ASP D 54 20.41 3.34 -13.75
CA ASP D 54 21.24 4.29 -14.48
C ASP D 54 20.63 5.67 -14.45
N LEU D 55 21.45 6.67 -14.11
CA LEU D 55 20.98 8.05 -14.04
C LEU D 55 20.85 8.62 -15.45
N ALA D 56 19.77 9.39 -15.67
CA ALA D 56 19.59 10.01 -16.97
C ALA D 56 20.65 11.08 -17.19
N SER D 57 20.70 11.61 -18.41
CA SER D 57 21.68 12.65 -18.72
C SER D 57 21.30 13.97 -18.06
N GLY D 58 22.31 14.64 -17.51
CA GLY D 58 22.09 15.93 -16.87
C GLY D 58 21.21 15.92 -15.64
N VAL D 59 21.18 14.82 -14.90
CA VAL D 59 20.38 14.72 -13.69
C VAL D 59 21.31 14.66 -12.49
N SER D 60 20.95 15.40 -11.44
CA SER D 60 21.76 15.43 -10.23
C SER D 60 21.87 14.05 -9.60
N SER D 61 22.94 13.83 -8.84
CA SER D 61 23.18 12.56 -8.18
C SER D 61 22.27 12.33 -6.98
N ARG D 62 21.49 13.33 -6.57
CA ARG D 62 20.61 13.16 -5.41
C ARG D 62 19.58 12.05 -5.64
N PHE D 63 19.25 11.78 -6.89
CA PHE D 63 18.27 10.74 -7.21
C PHE D 63 19.02 9.43 -7.38
N LYS D 64 18.60 8.40 -6.65
CA LYS D 64 19.22 7.07 -6.71
C LYS D 64 18.16 5.99 -6.80
N GLY D 65 18.11 5.29 -7.93
CA GLY D 65 17.21 4.17 -8.08
C GLY D 65 17.90 2.87 -7.69
N SER D 66 17.17 2.02 -6.97
CA SER D 66 17.64 0.72 -6.52
C SER D 66 16.52 -0.29 -6.69
N GLY D 67 16.89 -1.56 -6.63
CA GLY D 67 15.93 -2.64 -6.66
C GLY D 67 16.03 -3.49 -7.92
N SER D 68 15.30 -4.60 -7.89
CA SER D 68 15.24 -5.53 -9.00
C SER D 68 14.08 -6.51 -8.79
N GLY D 69 13.81 -7.27 -9.84
CA GLY D 69 12.77 -8.27 -9.78
C GLY D 69 11.42 -7.64 -9.94
N THR D 70 10.78 -7.51 -8.78
CA THR D 70 9.48 -6.92 -8.64
C THR D 70 9.48 -5.77 -7.65
N GLN D 71 10.58 -5.53 -6.95
CA GLN D 71 10.61 -4.42 -6.00
C GLN D 71 11.66 -3.39 -6.38
N PHE D 72 11.24 -2.14 -6.52
CA PHE D 72 12.12 -1.04 -6.86
C PHE D 72 11.89 0.10 -5.89
N THR D 73 12.89 0.96 -5.75
CA THR D 73 12.84 2.07 -4.81
C THR D 73 13.68 3.22 -5.31
N LEU D 74 13.10 4.40 -5.32
CA LEU D 74 13.78 5.64 -5.68
C LEU D 74 14.03 6.43 -4.41
N THR D 75 15.21 7.02 -4.30
CA THR D 75 15.54 7.79 -3.11
C THR D 75 16.15 9.13 -3.49
N ILE D 76 15.70 10.18 -2.82
CA ILE D 76 16.22 11.53 -2.98
C ILE D 76 16.83 11.96 -1.67
N SER D 77 17.90 12.76 -1.76
CA SER D 77 18.62 13.29 -0.62
C SER D 77 18.85 14.78 -0.82
N ALA D 78 19.07 15.48 0.30
CA ALA D 78 19.26 16.94 0.31
C ALA D 78 18.13 17.59 -0.47
N LEU D 79 16.92 17.28 -0.03
CA LEU D 79 15.69 17.74 -0.67
C LEU D 79 15.62 19.25 -0.74
N GLU D 80 15.59 19.78 -1.96
CA GLU D 80 15.48 21.21 -2.23
C GLU D 80 14.02 21.54 -2.52
N CYS D 81 13.70 22.84 -2.54
CA CYS D 81 12.32 23.20 -2.84
C CYS D 81 11.96 22.93 -4.28
N ALA D 82 12.94 22.80 -5.18
CA ALA D 82 12.66 22.51 -6.57
C ALA D 82 12.33 21.03 -6.81
N ASP D 83 12.30 20.20 -5.77
CA ASP D 83 11.94 18.81 -5.90
C ASP D 83 10.45 18.55 -5.74
N ALA D 84 9.67 19.57 -5.40
CA ALA D 84 8.24 19.41 -5.21
C ALA D 84 7.58 19.11 -6.55
N ALA D 85 7.11 17.87 -6.72
CA ALA D 85 6.48 17.42 -7.95
C ALA D 85 5.95 16.02 -7.71
N THR D 86 5.33 15.45 -8.74
CA THR D 86 4.77 14.10 -8.68
C THR D 86 5.72 13.14 -9.39
N TYR D 87 5.98 11.99 -8.79
CA TYR D 87 6.91 11.04 -9.40
C TYR D 87 6.17 9.77 -9.78
N TYR D 88 6.54 9.21 -10.93
CA TYR D 88 5.89 8.01 -11.46
C TYR D 88 6.93 6.98 -11.90
N CYS D 89 6.64 5.71 -11.65
CA CYS D 89 7.47 4.64 -12.17
C CYS D 89 6.79 4.02 -13.41
N GLN D 90 7.59 3.32 -14.21
CA GLN D 90 7.04 2.70 -15.41
C GLN D 90 7.85 1.49 -15.81
N SER D 91 7.17 0.37 -16.01
CA SER D 91 7.77 -0.85 -16.52
C SER D 91 7.84 -0.82 -18.03
N TYR D 92 8.92 -1.36 -18.60
CA TYR D 92 9.01 -1.49 -20.05
C TYR D 92 9.59 -2.84 -20.41
N TYR D 93 9.26 -3.86 -19.62
CA TYR D 93 9.77 -5.22 -19.81
C TYR D 93 8.90 -5.93 -20.83
N ALA D 94 9.43 -6.12 -22.04
CA ALA D 94 8.72 -6.80 -23.12
C ALA D 94 7.36 -6.15 -23.36
N ILE D 95 7.43 -4.87 -23.78
CA ILE D 95 6.23 -4.09 -24.04
C ILE D 95 5.27 -4.80 -24.97
N ILE D 96 5.79 -5.56 -25.94
CA ILE D 96 4.93 -6.23 -26.91
C ILE D 96 4.04 -7.28 -26.27
N THR D 97 4.25 -7.59 -25.01
CA THR D 97 3.43 -8.60 -24.35
C THR D 97 2.81 -8.10 -23.07
N TYR D 98 3.50 -7.26 -22.30
CA TYR D 98 2.96 -6.75 -21.06
C TYR D 98 2.67 -5.25 -21.04
N GLY D 99 2.90 -4.54 -22.14
CA GLY D 99 2.63 -3.12 -22.12
C GLY D 99 3.63 -2.36 -21.26
N ALA D 100 3.33 -1.08 -21.05
CA ALA D 100 4.18 -0.19 -20.28
C ALA D 100 3.35 0.66 -19.32
N ALA D 101 2.49 0.01 -18.53
CA ALA D 101 1.64 0.74 -17.61
C ALA D 101 2.46 1.60 -16.66
N PHE D 102 1.88 2.73 -16.26
CA PHE D 102 2.52 3.69 -15.36
C PHE D 102 2.05 3.49 -13.93
N GLY D 103 2.81 4.06 -12.99
CA GLY D 103 2.47 3.98 -11.59
C GLY D 103 1.37 4.96 -11.21
N GLY D 104 0.86 4.81 -9.99
CA GLY D 104 -0.19 5.71 -9.53
C GLY D 104 0.28 7.14 -9.31
N GLY D 105 1.52 7.33 -8.92
CA GLY D 105 2.06 8.65 -8.68
C GLY D 105 2.34 8.88 -7.20
N THR D 106 3.34 9.72 -6.93
CA THR D 106 3.77 10.04 -5.56
C THR D 106 4.04 11.54 -5.45
N GLU D 107 3.11 12.25 -4.82
CA GLU D 107 3.26 13.69 -4.57
C GLU D 107 4.28 13.91 -3.46
N VAL D 108 5.40 14.57 -3.79
CA VAL D 108 6.43 14.85 -2.79
C VAL D 108 6.26 16.28 -2.32
N VAL D 109 5.90 16.45 -1.05
CA VAL D 109 5.70 17.76 -0.43
C VAL D 109 6.87 18.07 0.50
N VAL D 110 7.55 19.19 0.24
CA VAL D 110 8.64 19.64 1.10
C VAL D 110 8.04 20.31 2.33
N LYS D 111 8.68 20.13 3.48
CA LYS D 111 8.22 20.71 4.74
C LYS D 111 9.16 21.84 5.19
N ARG D 112 8.83 23.05 4.81
CA ARG D 112 9.61 24.22 5.21
C ARG D 112 9.14 24.70 6.58
N THR D 113 9.59 25.89 6.98
CA THR D 113 9.18 26.49 8.23
C THR D 113 7.78 27.09 8.07
N VAL D 114 7.14 27.39 9.20
CA VAL D 114 5.80 27.97 9.17
C VAL D 114 5.88 29.39 8.65
N ALA D 115 4.91 29.78 7.82
CA ALA D 115 4.87 31.11 7.22
C ALA D 115 3.45 31.64 7.27
N ALA D 116 3.28 32.82 7.84
CA ALA D 116 1.95 33.43 7.96
C ALA D 116 1.47 33.92 6.60
N PRO D 117 0.18 33.78 6.30
CA PRO D 117 -0.34 34.19 4.99
C PRO D 117 -0.72 35.66 4.87
N SER D 118 -0.27 36.31 3.80
CA SER D 118 -0.65 37.71 3.54
C SER D 118 -2.05 37.69 2.92
N VAL D 119 -2.99 38.42 3.52
CA VAL D 119 -4.39 38.37 3.09
C VAL D 119 -4.77 39.69 2.43
N PHE D 120 -5.34 39.59 1.23
CA PHE D 120 -5.84 40.74 0.49
C PHE D 120 -7.22 40.43 -0.07
N ILE D 121 -8.10 41.43 -0.12
CA ILE D 121 -9.43 41.23 -0.66
C ILE D 121 -9.62 42.16 -1.85
N PHE D 122 -10.39 41.70 -2.83
CA PHE D 122 -10.65 42.45 -4.05
C PHE D 122 -12.13 42.48 -4.34
N PRO D 123 -12.75 43.65 -4.35
CA PRO D 123 -14.18 43.77 -4.66
C PRO D 123 -14.44 43.56 -6.14
N PRO D 124 -15.67 43.23 -6.53
CA PRO D 124 -15.96 43.04 -7.96
C PRO D 124 -15.89 44.34 -8.72
N SER D 125 -15.21 44.32 -9.87
CA SER D 125 -15.05 45.51 -10.68
C SER D 125 -16.37 45.97 -11.30
N ASP D 126 -16.44 47.29 -11.56
CA ASP D 126 -17.64 47.86 -12.15
C ASP D 126 -18.00 47.18 -13.47
N GLU D 127 -17.00 46.72 -14.21
CA GLU D 127 -17.32 46.06 -15.48
C GLU D 127 -18.03 44.75 -15.22
N GLN D 128 -17.61 44.03 -14.17
CA GLN D 128 -18.29 42.77 -13.92
C GLN D 128 -19.71 43.04 -13.47
N LEU D 129 -19.93 44.13 -12.71
CA LEU D 129 -21.31 44.39 -12.34
C LEU D 129 -22.13 44.74 -13.58
N LYS D 130 -21.59 45.61 -14.45
CA LYS D 130 -22.19 45.92 -15.74
C LYS D 130 -22.66 44.64 -16.41
N SER D 131 -21.81 43.60 -16.29
CA SER D 131 -22.16 42.30 -16.86
C SER D 131 -23.32 41.66 -16.10
N GLY D 132 -23.43 41.92 -14.81
CA GLY D 132 -24.51 41.38 -14.01
C GLY D 132 -24.14 40.34 -12.98
N THR D 133 -22.86 40.17 -12.69
CA THR D 133 -22.36 39.19 -11.72
C THR D 133 -21.33 39.87 -10.83
N ALA D 134 -21.21 39.42 -9.59
CA ALA D 134 -20.26 39.99 -8.66
C ALA D 134 -19.39 38.88 -8.09
N SER D 135 -18.08 39.06 -8.19
CA SER D 135 -17.12 38.09 -7.69
C SER D 135 -16.15 38.79 -6.75
N VAL D 136 -16.13 38.35 -5.50
CA VAL D 136 -15.22 38.89 -4.50
C VAL D 136 -14.07 37.90 -4.36
N VAL D 137 -12.84 38.40 -4.34
CA VAL D 137 -11.68 37.51 -4.31
C VAL D 137 -10.87 37.74 -3.05
N CYS D 138 -10.65 36.67 -2.28
CA CYS D 138 -9.84 36.73 -1.07
C CYS D 138 -8.58 35.91 -1.33
N LEU D 139 -7.43 36.59 -1.33
CA LEU D 139 -6.16 35.99 -1.68
C LEU D 139 -5.30 35.78 -0.44
N LEU D 140 -4.92 34.51 -0.19
CA LEU D 140 -3.98 34.10 0.83
C LEU D 140 -2.64 33.89 0.12
N ASN D 141 -1.61 34.60 0.57
CA ASN D 141 -0.32 34.61 -0.12
C ASN D 141 0.84 34.07 0.70
N ASN D 142 1.73 33.34 0.01
CA ASN D 142 2.98 32.79 0.52
C ASN D 142 2.92 32.24 1.95
N PHE D 143 2.07 31.24 2.15
CA PHE D 143 1.95 30.65 3.46
C PHE D 143 2.33 29.17 3.40
N TYR D 144 2.42 28.57 4.60
CA TYR D 144 2.75 27.17 4.81
C TYR D 144 2.31 26.88 6.23
N PRO D 145 1.70 25.73 6.53
CA PRO D 145 1.38 24.58 5.68
C PRO D 145 0.25 24.81 4.69
N ARG D 146 -0.08 23.76 3.94
CA ARG D 146 -1.10 23.84 2.91
C ARG D 146 -2.50 23.94 3.52
N GLU D 147 -2.73 23.29 4.66
CA GLU D 147 -4.03 23.31 5.29
C GLU D 147 -4.33 24.70 5.84
N ALA D 148 -5.45 25.28 5.38
CA ALA D 148 -5.89 26.60 5.80
C ALA D 148 -7.39 26.68 5.54
N LYS D 149 -8.10 27.41 6.38
CA LYS D 149 -9.54 27.51 6.22
C LYS D 149 -9.94 28.95 5.90
N VAL D 150 -10.66 29.13 4.80
CA VAL D 150 -11.18 30.41 4.38
C VAL D 150 -12.69 30.41 4.59
N GLN D 151 -13.21 31.49 5.16
CA GLN D 151 -14.62 31.62 5.51
C GLN D 151 -15.10 32.96 4.99
N TRP D 152 -16.24 32.95 4.30
CA TRP D 152 -16.81 34.16 3.74
C TRP D 152 -17.95 34.61 4.63
N LYS D 153 -17.92 35.88 5.04
CA LYS D 153 -18.97 36.43 5.87
C LYS D 153 -19.56 37.64 5.18
N VAL D 154 -20.85 37.59 4.93
CA VAL D 154 -21.55 38.66 4.24
C VAL D 154 -22.59 39.19 5.20
N ASP D 155 -22.39 40.43 5.67
CA ASP D 155 -23.28 41.05 6.65
C ASP D 155 -23.36 40.18 7.90
N ASN D 156 -22.21 39.65 8.31
CA ASN D 156 -22.00 38.78 9.45
C ASN D 156 -22.60 37.39 9.25
N ALA D 157 -23.27 37.15 8.12
CA ALA D 157 -23.85 35.84 7.84
C ALA D 157 -22.80 34.92 7.22
N LEU D 158 -22.78 33.67 7.68
CA LEU D 158 -21.82 32.69 7.18
C LEU D 158 -22.32 32.09 5.87
N GLN D 159 -21.55 32.27 4.79
CA GLN D 159 -21.93 31.75 3.49
C GLN D 159 -21.35 30.35 3.29
N SER D 160 -22.01 29.58 2.43
CA SER D 160 -21.58 28.23 2.11
C SER D 160 -22.25 27.78 0.83
N GLY D 161 -21.45 27.26 -0.10
CA GLY D 161 -21.93 26.77 -1.38
C GLY D 161 -21.88 27.76 -2.52
N ASN D 162 -21.62 29.04 -2.25
CA ASN D 162 -21.56 30.05 -3.30
C ASN D 162 -20.16 30.63 -3.46
N SER D 163 -19.13 29.85 -3.16
CA SER D 163 -17.74 30.30 -3.29
C SER D 163 -16.91 29.17 -3.85
N GLN D 164 -15.73 29.49 -4.37
CA GLN D 164 -14.88 28.45 -4.89
C GLN D 164 -13.41 28.74 -4.58
N GLU D 165 -12.68 27.73 -4.12
CA GLU D 165 -11.27 27.88 -3.80
C GLU D 165 -10.37 27.29 -4.86
N SER D 166 -9.14 27.79 -4.90
CA SER D 166 -8.12 27.27 -5.79
C SER D 166 -6.77 27.45 -5.11
N VAL D 167 -5.96 26.39 -5.10
CA VAL D 167 -4.67 26.39 -4.43
C VAL D 167 -3.57 26.05 -5.43
N THR D 168 -2.50 26.82 -5.41
CA THR D 168 -1.38 26.58 -6.31
C THR D 168 -0.44 25.56 -5.68
N GLU D 169 0.46 25.01 -6.50
CA GLU D 169 1.41 24.05 -5.97
C GLU D 169 2.50 24.78 -5.21
N GLN D 170 3.36 24.00 -4.55
CA GLN D 170 4.44 24.60 -3.78
C GLN D 170 5.36 25.40 -4.68
N ASP D 171 5.67 26.63 -4.27
CA ASP D 171 6.58 27.46 -5.03
C ASP D 171 7.95 26.80 -5.09
N SER D 172 8.60 26.89 -6.25
CA SER D 172 9.92 26.30 -6.39
C SER D 172 11.00 27.04 -5.65
N LYS D 173 10.78 28.33 -5.34
CA LYS D 173 11.80 29.11 -4.65
C LYS D 173 11.75 29.01 -3.12
N ASP D 174 10.60 29.28 -2.51
CA ASP D 174 10.49 29.26 -1.06
C ASP D 174 9.52 28.21 -0.50
N CYS D 175 9.07 27.25 -1.32
CA CYS D 175 8.18 26.18 -0.85
C CYS D 175 6.87 26.69 -0.24
N THR D 176 6.39 27.87 -0.64
CA THR D 176 5.15 28.39 -0.08
C THR D 176 3.97 28.19 -1.03
N TYR D 177 2.77 28.38 -0.49
CA TYR D 177 1.52 28.24 -1.22
C TYR D 177 0.80 29.57 -1.38
N SER D 178 -0.19 29.55 -2.26
CA SER D 178 -1.08 30.68 -2.51
C SER D 178 -2.46 30.10 -2.72
N LEU D 179 -3.49 30.79 -2.24
CA LEU D 179 -4.86 30.30 -2.37
C LEU D 179 -5.81 31.44 -2.66
N SER D 180 -6.71 31.25 -3.62
CA SER D 180 -7.72 32.24 -3.91
C SER D 180 -9.10 31.68 -3.58
N SER D 181 -9.97 32.52 -3.03
CA SER D 181 -11.34 32.16 -2.73
C SER D 181 -12.23 33.16 -3.43
N THR D 182 -13.06 32.69 -4.35
CA THR D 182 -13.88 33.53 -5.19
C THR D 182 -15.36 33.36 -4.87
N LEU D 183 -15.87 34.25 -4.02
CA LEU D 183 -17.28 34.33 -3.70
C LEU D 183 -18.04 34.84 -4.92
N THR D 184 -19.08 34.13 -5.34
CA THR D 184 -19.86 34.48 -6.53
C THR D 184 -21.28 34.80 -6.11
N LEU D 185 -21.80 35.94 -6.57
CA LEU D 185 -23.16 36.35 -6.24
C LEU D 185 -23.76 37.08 -7.43
N SER D 186 -25.09 37.10 -7.47
CA SER D 186 -25.79 37.86 -8.48
C SER D 186 -25.77 39.34 -8.15
N LYS D 187 -26.16 40.16 -9.14
CA LYS D 187 -26.22 41.60 -8.94
C LYS D 187 -27.16 41.96 -7.80
N ALA D 188 -28.35 41.37 -7.79
CA ALA D 188 -29.37 41.67 -6.79
C ALA D 188 -28.83 41.44 -5.38
N ASP D 189 -28.38 40.22 -5.10
CA ASP D 189 -27.87 39.90 -3.76
C ASP D 189 -26.69 40.79 -3.38
N TYR D 190 -25.78 41.01 -4.33
CA TYR D 190 -24.64 41.90 -4.08
C TYR D 190 -25.09 43.28 -3.65
N GLU D 191 -26.13 43.83 -4.29
CA GLU D 191 -26.59 45.14 -3.87
C GLU D 191 -27.36 45.04 -2.56
N LYS D 192 -27.99 43.90 -2.31
CA LYS D 192 -28.73 43.70 -1.07
C LYS D 192 -27.82 43.87 0.14
N HIS D 193 -26.74 43.09 0.20
CA HIS D 193 -25.86 43.23 1.37
C HIS D 193 -24.92 44.44 1.23
N LYS D 194 -24.23 44.75 2.35
CA LYS D 194 -23.34 45.89 2.41
C LYS D 194 -21.88 45.56 2.72
N VAL D 195 -21.59 44.87 3.83
CA VAL D 195 -20.24 44.56 4.26
C VAL D 195 -19.85 43.15 3.86
N TYR D 196 -18.64 42.99 3.32
CA TYR D 196 -18.12 41.69 2.92
C TYR D 196 -16.78 41.43 3.60
N ALA D 197 -16.63 40.28 4.25
CA ALA D 197 -15.41 39.93 4.96
C ALA D 197 -14.95 38.53 4.61
N CYS D 198 -13.67 38.27 4.89
CA CYS D 198 -13.00 36.99 4.60
C CYS D 198 -12.20 36.55 5.83
N GLU D 199 -12.85 35.75 6.68
CA GLU D 199 -12.22 35.21 7.89
C GLU D 199 -11.27 34.08 7.53
N VAL D 200 -9.97 34.31 7.67
CA VAL D 200 -8.94 33.34 7.30
C VAL D 200 -8.30 32.80 8.57
N THR D 201 -8.31 31.48 8.70
CA THR D 201 -7.71 30.77 9.84
C THR D 201 -6.57 29.93 9.30
N HIS D 202 -5.42 29.98 9.98
CA HIS D 202 -4.24 29.23 9.57
C HIS D 202 -3.35 29.03 10.78
N GLN D 203 -2.48 28.01 10.68
CA GLN D 203 -1.55 27.70 11.77
C GLN D 203 -0.61 28.86 12.03
N GLY D 204 -0.15 29.54 10.98
CA GLY D 204 0.74 30.67 11.15
C GLY D 204 0.10 31.91 11.73
N LEU D 205 -1.21 31.85 11.97
CA LEU D 205 -1.98 32.96 12.53
C LEU D 205 -2.34 32.63 13.97
N SER D 206 -1.85 33.43 14.90
CA SER D 206 -2.18 33.24 16.31
C SER D 206 -3.61 33.62 16.61
N SER D 207 -4.26 34.32 15.69
CA SER D 207 -5.64 34.77 15.82
C SER D 207 -6.24 34.83 14.42
N PRO D 208 -7.54 34.54 14.29
CA PRO D 208 -8.18 34.59 12.97
C PRO D 208 -8.10 35.98 12.36
N VAL D 209 -7.62 36.06 11.12
CA VAL D 209 -7.49 37.35 10.44
C VAL D 209 -8.72 37.61 9.61
N THR D 210 -9.27 38.82 9.71
CA THR D 210 -10.50 39.16 8.99
C THR D 210 -10.32 40.44 8.18
N LYS D 211 -10.09 40.28 6.88
CA LYS D 211 -10.01 41.40 5.95
C LYS D 211 -11.42 41.65 5.41
N SER D 212 -11.84 42.92 5.40
CA SER D 212 -13.19 43.22 4.96
C SER D 212 -13.26 44.56 4.27
N PHE D 213 -14.37 44.78 3.57
CA PHE D 213 -14.63 46.03 2.90
C PHE D 213 -16.12 46.32 2.94
N ASN D 214 -16.46 47.56 2.58
CA ASN D 214 -17.84 48.03 2.50
C ASN D 214 -18.19 48.37 1.07
N ARG D 215 -19.39 47.99 0.65
CA ARG D 215 -19.83 48.26 -0.71
C ARG D 215 -19.96 49.76 -0.93
N GLY D 216 -19.34 50.24 -2.01
CA GLY D 216 -19.36 51.66 -2.31
C GLY D 216 -18.17 52.37 -1.72
N GLU D 217 -18.02 52.27 -0.40
CA GLU D 217 -16.91 52.89 0.30
C GLU D 217 -15.61 52.17 0.00
C1 DLP E . -3.33 -10.22 -0.79
C2 DLP E . -3.89 -10.42 0.60
C3 DLP E . -4.78 -11.65 0.69
C4 DLP E . 0.12 -9.93 -3.47
C5 DLP E . 0.88 -11.23 -3.39
C6 DLP E . 1.49 -11.28 -5.77
C7 DLP E . 2.62 -12.76 -4.23
C8 DLP E . 3.05 -10.38 -4.16
C11 DLP E . -6.66 -12.57 -0.39
C12 DLP E . -6.43 -13.60 0.69
C13 DLP E . -7.33 -14.79 0.58
C14 DLP E . -7.00 -15.86 1.60
C15 DLP E . -7.35 -15.51 3.02
C16 DLP E . -6.82 -16.49 4.04
C17 DLP E . -7.61 -16.58 5.33
C18 DLP E . -7.04 -17.55 6.32
C19 DLP E . -8.02 -18.01 7.36
C20 DLP E . -8.29 -19.28 7.59
C21 DLP E . -9.27 -19.80 8.60
C22 DLP E . -10.70 -19.46 8.33
C23 DLP E . -11.66 -20.33 8.09
C24 DLP E . -11.48 -21.81 7.95
C25 DLP E . -12.17 -22.60 9.01
C26 DLP E . -13.68 -22.36 9.09
C27 DLP E . -14.44 -22.71 7.83
C28 DLP E . -15.92 -22.47 7.94
C31 DLP E . -3.02 -10.63 2.83
C32 DLP E . -1.82 -11.06 3.63
C33 DLP E . -2.13 -11.44 5.04
C34 DLP E . -2.86 -12.77 5.16
C35 DLP E . -2.97 -13.29 6.57
C36 DLP E . -3.40 -14.73 6.69
C37 DLP E . -3.52 -15.24 8.12
C38 DLP E . -3.88 -16.70 8.23
C39 DLP E . -4.17 -17.14 9.64
C40 DLP E . -4.54 -18.36 9.98
C41 DLP E . -5.00 -18.81 11.34
C42 DLP E . -6.40 -19.32 11.35
C43 DLP E . -7.03 -19.85 12.39
C44 DLP E . -8.49 -20.22 12.38
C45 DLP E . -8.99 -20.84 13.64
C46 DLP E . -10.47 -21.17 13.62
C47 DLP E . -11.02 -21.90 14.82
C48 DLP E . -12.51 -22.16 14.74
N DLP E . 2.01 -11.41 -4.39
O2 DLP E . -2.77 -10.57 1.51
O3 DLP E . -5.79 -11.56 -0.33
O11 DLP E . -7.52 -12.64 -1.24
O31 DLP E . -4.08 -10.34 3.32
O1P DLP E . -2.75 -8.61 -3.36
O2P DLP E . -0.95 -7.40 -1.93
O3P DLP E . -2.60 -8.97 -0.86
O4P DLP E . -0.82 -9.88 -2.36
P DLP E . -1.79 -8.62 -2.21
#